data_9LUM
#
_entry.id   9LUM
#
_cell.length_a   1.00
_cell.length_b   1.00
_cell.length_c   1.00
_cell.angle_alpha   90.00
_cell.angle_beta   90.00
_cell.angle_gamma   90.00
#
_symmetry.space_group_name_H-M   'P 1'
#
loop_
_entity.id
_entity.type
_entity.pdbx_description
1 polymer 'DELLA protein RGA'
2 polymer 'Gibberellin receptor GID1A'
3 non-polymer 'GIBBERELLIN A3'
4 water water
#
loop_
_entity_poly.entity_id
_entity_poly.type
_entity_poly.pdbx_seq_one_letter_code
_entity_poly.pdbx_strand_id
1 'polypeptide(L)'
;GSKRDHHQFQGRLSNHGTSSSSSSISKDKMMMVKKEEDGGGNMDDELLAVLGYKVRSSEMAEVALKLEQLETMMSNVQED
GLSHLATDTVHYNPSELYSWLDNMLSELNPPPLPASSNGLDPVLPSPEICGFPASDYDLKVIPGNAIYQFPAIDSSSSSN
NQNKRLKSCSSPDSMVTSTSTGTQIGGVIGTTVTTTTTTTTAAGESTRSVILVDSQENGVRLVHALMACAEAIQQNNLTL
AEALVKQIGCLAVSQAGAMRKVATYFAEALARRIYRLSPPQNQIDHCLSDTLQMHFYETCPYLKFAHFTANQAILEAFEG
KKRVHVIDFSMNQGLQWPALMQALALREGGPPTFRLTGIGPPAPDNSDHLHEVGCKLAQLAEAIHVEFEYRGFVANSLAD
LDASMLELRPSDTEAVAVNSVFELHKLLGRPGGIEKVLGVVKQIKPVIFTVVEQESNHNGPVFLDRFTESLHYYSTLFDS
LEGVPNSQDKVMSEVYLGKQICNLVACEGPDRVERHETLSQWGNRFGSSGLAPAHLGSNAFKQASMLLSVFNSGQGYRVE
ESNGCLMLGWHTRPLITTSAWKLSTAAY
;
A
2 'polypeptide(L)'
;GSMAASDEVNLIESRTVVPLNTWVLISNFKVAYNILRRPDGTFNRHLAEYLDRKVTANANPVDGVFSFDVLIDRRINLLS
RVYRPAYADQEQPPSILDLEKPVDGDIVPVILFFHGGSFAHSSANSAIYDTLCRRLVGLCKCVVVSVNYRRAPENPYPCA
YDDGWIALNWVNSRSWLKSKKDSKVHIFLAGDSSGGNIAHNVALRAGESGIDVLGNILLNPMFGGNERTESEKSLDGKYF
VTVRDRDWYWKAFLPEGEDREHPACNPFSPRGKSLEGVSFPKSLVVVAGLDLIRDWQLAYAEGLKKAGQEVKLMHLEKAT
VGFYLLPNNNHFHNVMDEISAFVNAEC
;
B
#
loop_
_chem_comp.id
_chem_comp.type
_chem_comp.name
_chem_comp.formula
GA3 non-polymer 'GIBBERELLIN A3' 'C19 H22 O6'
#
# COMPACT_ATOMS: atom_id res chain seq x y z
N MET A 43 5.64 -20.79 16.62
CA MET A 43 4.26 -20.74 16.13
C MET A 43 3.59 -19.43 16.53
N ASP A 44 3.01 -18.74 15.54
CA ASP A 44 2.35 -17.48 15.77
C ASP A 44 0.86 -17.70 16.02
N ASP A 45 0.13 -16.61 16.21
CA ASP A 45 -1.33 -16.64 16.33
C ASP A 45 -1.91 -16.46 14.93
N GLU A 46 -2.57 -17.51 14.42
CA GLU A 46 -3.05 -17.48 13.05
C GLU A 46 -4.08 -16.38 12.84
N LEU A 47 -5.01 -16.23 13.78
CA LEU A 47 -6.05 -15.20 13.67
C LEU A 47 -5.44 -13.80 13.66
N LEU A 48 -4.41 -13.58 14.50
CA LEU A 48 -3.72 -12.30 14.49
C LEU A 48 -2.76 -12.17 13.31
N ALA A 49 -2.18 -13.29 12.86
CA ALA A 49 -1.26 -13.24 11.72
C ALA A 49 -2.00 -12.85 10.45
N VAL A 50 -3.24 -13.29 10.29
CA VAL A 50 -4.03 -12.88 9.13
C VAL A 50 -4.26 -11.38 9.15
N LEU A 51 -4.36 -10.78 10.34
CA LEU A 51 -4.63 -9.35 10.46
C LEU A 51 -3.38 -8.48 10.31
N GLY A 52 -2.20 -9.08 10.20
CA GLY A 52 -0.99 -8.35 9.97
C GLY A 52 -0.07 -8.18 11.18
N TYR A 53 -0.27 -8.94 12.24
CA TYR A 53 0.52 -8.83 13.46
C TYR A 53 1.15 -10.17 13.79
N LYS A 54 2.42 -10.14 14.18
CA LYS A 54 3.21 -11.34 14.46
C LYS A 54 3.39 -11.45 15.96
N VAL A 55 2.66 -12.37 16.58
CA VAL A 55 2.74 -12.63 18.02
C VAL A 55 2.90 -14.12 18.23
N ARG A 56 3.92 -14.51 18.99
CA ARG A 56 4.09 -15.91 19.35
C ARG A 56 2.96 -16.37 20.25
N SER A 57 2.59 -17.65 20.11
CA SER A 57 1.49 -18.19 20.90
C SER A 57 1.82 -18.18 22.39
N SER A 58 3.07 -18.46 22.74
CA SER A 58 3.48 -18.52 24.14
C SER A 58 3.73 -17.14 24.75
N GLU A 59 3.82 -16.09 23.93
CA GLU A 59 4.06 -14.74 24.41
C GLU A 59 2.79 -13.90 24.43
N MET A 60 1.61 -14.53 24.43
CA MET A 60 0.37 -13.78 24.44
C MET A 60 0.21 -12.99 25.73
N ALA A 61 0.13 -13.70 26.86
CA ALA A 61 -0.12 -13.05 28.14
C ALA A 61 0.94 -12.01 28.44
N GLU A 62 2.21 -12.35 28.21
CA GLU A 62 3.29 -11.38 28.39
C GLU A 62 2.99 -10.09 27.62
N VAL A 63 2.64 -10.21 26.34
CA VAL A 63 2.32 -9.04 25.55
C VAL A 63 1.19 -8.26 26.21
N ALA A 64 0.14 -8.98 26.63
CA ALA A 64 -0.97 -8.33 27.30
C ALA A 64 -0.48 -7.54 28.51
N LEU A 65 0.39 -8.16 29.31
CA LEU A 65 0.91 -7.48 30.49
C LEU A 65 1.59 -6.17 30.10
N LYS A 66 2.40 -6.21 29.04
CA LYS A 66 3.08 -5.00 28.60
C LYS A 66 2.07 -3.91 28.27
N LEU A 67 0.98 -4.28 27.58
CA LEU A 67 -0.04 -3.29 27.24
C LEU A 67 -0.58 -2.64 28.50
N GLU A 68 -0.85 -3.45 29.54
CA GLU A 68 -1.27 -2.90 30.82
C GLU A 68 -0.28 -1.85 31.29
N GLN A 69 1.00 -2.22 31.33
CA GLN A 69 2.01 -1.31 31.86
C GLN A 69 2.11 -0.05 31.02
N LEU A 70 1.72 -0.11 29.75
CA LEU A 70 1.73 1.09 28.94
C LEU A 70 0.61 2.04 29.36
N GLU A 71 -0.60 1.50 29.52
CA GLU A 71 -1.75 2.36 29.79
C GLU A 71 -1.53 3.15 31.08
N THR A 72 -1.21 2.45 32.17
CA THR A 72 -0.88 3.11 33.43
C THR A 72 0.17 4.19 33.21
N MET A 73 1.22 3.86 32.45
CA MET A 73 2.26 4.85 32.17
C MET A 73 1.67 6.08 31.50
N MET A 74 0.85 5.87 30.46
CA MET A 74 0.27 7.01 29.76
C MET A 74 -0.73 7.75 30.62
N SER A 75 -1.16 7.17 31.74
CA SER A 75 -2.06 7.88 32.64
C SER A 75 -1.32 8.73 33.65
N ASN A 76 0.00 8.52 33.80
CA ASN A 76 0.80 9.24 34.79
C ASN A 76 1.84 10.15 34.16
N VAL A 77 1.81 10.32 32.84
CA VAL A 77 2.85 11.09 32.15
C VAL A 77 2.19 12.25 31.42
N GLN A 78 0.89 12.11 31.14
CA GLN A 78 0.08 13.15 30.50
C GLN A 78 0.53 13.35 29.06
N GLU A 79 0.68 14.60 28.63
CA GLU A 79 0.93 14.90 27.22
C GLU A 79 2.40 15.11 26.88
N ASP A 80 3.26 15.30 27.88
CA ASP A 80 4.69 15.45 27.60
C ASP A 80 5.25 14.18 26.95
N GLY A 81 4.99 13.03 27.58
CA GLY A 81 5.47 11.77 27.03
C GLY A 81 4.77 11.41 25.72
N LEU A 82 3.48 11.74 25.60
CA LEU A 82 2.78 11.48 24.36
C LEU A 82 3.37 12.28 23.21
N SER A 83 3.67 13.56 23.44
CA SER A 83 4.31 14.38 22.41
C SER A 83 5.72 13.88 22.11
N HIS A 84 6.45 13.44 23.13
CA HIS A 84 7.77 12.86 22.90
C HIS A 84 7.69 11.62 22.02
N LEU A 85 6.72 10.75 22.28
CA LEU A 85 6.56 9.54 21.48
C LEU A 85 6.10 9.86 20.07
N ALA A 86 5.28 10.89 19.90
CA ALA A 86 4.78 11.25 18.57
C ALA A 86 5.78 12.07 17.76
N THR A 87 6.79 12.66 18.40
CA THR A 87 7.72 13.54 17.71
C THR A 87 9.16 13.05 17.72
N ASP A 88 9.72 12.73 18.89
CA ASP A 88 11.14 12.46 18.99
C ASP A 88 11.49 10.98 18.84
N THR A 89 10.58 10.08 19.18
CA THR A 89 10.86 8.66 19.10
C THR A 89 10.83 8.17 17.65
N VAL A 90 11.68 7.19 17.37
CA VAL A 90 11.72 6.52 16.07
C VAL A 90 11.25 5.09 16.26
N HIS A 91 10.29 4.67 15.43
CA HIS A 91 9.66 3.37 15.54
C HIS A 91 10.17 2.44 14.44
N TYR A 92 10.27 1.15 14.76
CA TYR A 92 10.74 0.14 13.83
C TYR A 92 9.84 -1.08 13.88
N ASN A 93 9.54 -1.64 12.70
CA ASN A 93 8.86 -2.92 12.54
C ASN A 93 7.56 -2.99 13.34
N PRO A 94 6.51 -2.28 12.90
CA PRO A 94 5.25 -2.29 13.67
C PRO A 94 4.58 -3.65 13.74
N SER A 95 4.90 -4.58 12.84
CA SER A 95 4.22 -5.87 12.83
C SER A 95 4.49 -6.67 14.10
N GLU A 96 5.72 -6.63 14.59
CA GLU A 96 6.10 -7.37 15.80
C GLU A 96 5.77 -6.50 17.02
N LEU A 97 4.71 -6.87 17.73
CA LEU A 97 4.21 -6.03 18.81
C LEU A 97 5.09 -6.09 20.06
N TYR A 98 5.77 -7.23 20.27
CA TYR A 98 6.57 -7.41 21.48
C TYR A 98 7.68 -6.37 21.57
N SER A 99 8.51 -6.29 20.52
CA SER A 99 9.62 -5.35 20.53
C SER A 99 9.14 -3.90 20.49
N TRP A 100 8.04 -3.65 19.78
CA TRP A 100 7.48 -2.30 19.72
C TRP A 100 7.01 -1.85 21.10
N LEU A 101 6.34 -2.73 21.84
CA LEU A 101 5.91 -2.39 23.19
C LEU A 101 7.10 -2.21 24.12
N ASP A 102 8.13 -3.04 23.98
CA ASP A 102 9.35 -2.84 24.76
C ASP A 102 9.95 -1.47 24.50
N ASN A 103 10.02 -1.08 23.22
CA ASN A 103 10.57 0.22 22.87
C ASN A 103 9.75 1.36 23.45
N MET A 104 8.42 1.26 23.37
CA MET A 104 7.58 2.32 23.92
C MET A 104 7.76 2.43 25.44
N LEU A 105 7.81 1.29 26.13
CA LEU A 105 8.00 1.33 27.58
C LEU A 105 9.36 1.94 27.93
N SER A 106 10.40 1.59 27.18
CA SER A 106 11.72 2.15 27.46
C SER A 106 11.75 3.66 27.22
N GLU A 107 11.12 4.13 26.14
CA GLU A 107 11.19 5.54 25.80
C GLU A 107 10.24 6.42 26.63
N LEU A 108 9.21 5.83 27.26
CA LEU A 108 8.32 6.61 28.09
C LEU A 108 8.78 6.73 29.53
N ASN A 109 9.88 6.08 29.89
CA ASN A 109 10.37 6.12 31.27
C ASN A 109 11.50 7.14 31.42
N SER A 206 2.87 -16.43 -5.39
CA SER A 206 2.71 -15.58 -6.56
C SER A 206 1.49 -14.68 -6.43
N THR A 207 1.73 -13.39 -6.18
CA THR A 207 0.67 -12.40 -6.02
C THR A 207 0.63 -11.53 -7.26
N ARG A 208 -0.57 -11.38 -7.84
CA ARG A 208 -0.78 -10.58 -9.04
C ARG A 208 -1.61 -9.35 -8.66
N SER A 209 -0.98 -8.19 -8.66
CA SER A 209 -1.63 -6.94 -8.31
C SER A 209 -1.95 -6.16 -9.58
N VAL A 210 -3.23 -5.81 -9.75
CA VAL A 210 -3.71 -5.09 -10.93
C VAL A 210 -4.58 -3.93 -10.48
N ILE A 211 -4.40 -2.77 -11.11
CA ILE A 211 -5.29 -1.62 -10.94
C ILE A 211 -5.80 -1.23 -12.32
N LEU A 212 -7.11 -1.09 -12.44
CA LEU A 212 -7.76 -0.80 -13.72
C LEU A 212 -8.11 0.68 -13.81
N VAL A 213 -7.78 1.29 -14.93
CA VAL A 213 -8.16 2.67 -15.22
C VAL A 213 -9.15 2.63 -16.38
N ASP A 214 -10.04 3.62 -16.41
CA ASP A 214 -11.10 3.64 -17.40
C ASP A 214 -10.52 3.75 -18.81
N SER A 215 -10.81 2.75 -19.64
CA SER A 215 -10.42 2.71 -21.04
C SER A 215 -11.67 2.58 -21.90
N GLN A 216 -11.46 2.39 -23.20
CA GLN A 216 -12.54 2.22 -24.16
C GLN A 216 -12.47 0.83 -24.77
N GLU A 217 -13.39 0.57 -25.71
CA GLU A 217 -13.41 -0.69 -26.43
C GLU A 217 -12.14 -0.92 -27.24
N ASN A 218 -11.53 0.16 -27.75
CA ASN A 218 -10.29 0.03 -28.50
C ASN A 218 -9.18 -0.53 -27.61
N GLY A 219 -9.14 -0.14 -26.34
CA GLY A 219 -8.16 -0.73 -25.43
C GLY A 219 -8.39 -2.21 -25.20
N VAL A 220 -9.65 -2.61 -25.07
CA VAL A 220 -9.97 -4.03 -24.91
C VAL A 220 -9.50 -4.82 -26.14
N ARG A 221 -9.78 -4.31 -27.33
CA ARG A 221 -9.34 -4.98 -28.54
C ARG A 221 -7.82 -4.99 -28.66
N LEU A 222 -7.17 -3.92 -28.21
CA LEU A 222 -5.72 -3.85 -28.26
C LEU A 222 -5.09 -4.91 -27.37
N VAL A 223 -5.62 -5.06 -26.15
CA VAL A 223 -5.12 -6.10 -25.25
C VAL A 223 -5.38 -7.47 -25.85
N HIS A 224 -6.57 -7.67 -26.41
CA HIS A 224 -6.90 -8.93 -27.08
C HIS A 224 -5.86 -9.27 -28.15
N ALA A 225 -5.57 -8.32 -29.03
CA ALA A 225 -4.62 -8.54 -30.11
C ALA A 225 -3.19 -8.75 -29.60
N LEU A 226 -2.78 -8.01 -28.57
CA LEU A 226 -1.43 -8.18 -28.04
C LEU A 226 -1.24 -9.57 -27.46
N MET A 227 -2.20 -10.03 -26.65
CA MET A 227 -2.10 -11.37 -26.10
C MET A 227 -2.23 -12.44 -27.19
N ALA A 228 -3.05 -12.18 -28.22
CA ALA A 228 -3.15 -13.13 -29.32
C ALA A 228 -1.83 -13.26 -30.06
N CYS A 229 -1.14 -12.15 -30.30
CA CYS A 229 0.16 -12.19 -30.95
C CYS A 229 1.19 -12.91 -30.07
N ALA A 230 1.16 -12.65 -28.76
CA ALA A 230 2.08 -13.34 -27.86
C ALA A 230 1.84 -14.85 -27.89
N GLU A 231 0.57 -15.27 -27.86
CA GLU A 231 0.26 -16.70 -27.93
C GLU A 231 0.69 -17.29 -29.27
N ALA A 232 0.49 -16.55 -30.36
CA ALA A 232 0.91 -17.05 -31.67
C ALA A 232 2.41 -17.25 -31.72
N ILE A 233 3.18 -16.32 -31.13
CA ILE A 233 4.63 -16.49 -31.06
C ILE A 233 4.98 -17.71 -30.22
N GLN A 234 4.30 -17.90 -29.08
CA GLN A 234 4.62 -19.03 -28.22
C GLN A 234 4.34 -20.36 -28.91
N GLN A 235 3.22 -20.46 -29.62
CA GLN A 235 2.86 -21.67 -30.36
C GLN A 235 3.64 -21.85 -31.65
N ASN A 236 4.68 -21.04 -31.89
CA ASN A 236 5.57 -21.20 -33.04
C ASN A 236 4.82 -21.12 -34.37
N ASN A 237 3.83 -20.24 -34.46
CA ASN A 237 3.14 -20.04 -35.72
C ASN A 237 4.03 -19.30 -36.71
N LEU A 238 4.44 -18.08 -36.38
CA LEU A 238 5.36 -17.23 -37.12
C LEU A 238 4.78 -16.74 -38.45
N THR A 239 3.59 -17.18 -38.83
CA THR A 239 2.88 -16.66 -39.99
C THR A 239 1.65 -15.86 -39.61
N LEU A 240 0.91 -16.31 -38.60
CA LEU A 240 -0.14 -15.50 -38.01
C LEU A 240 0.44 -14.33 -37.21
N ALA A 241 1.69 -14.45 -36.76
CA ALA A 241 2.28 -13.41 -35.92
C ALA A 241 2.48 -12.10 -36.68
N GLU A 242 2.92 -12.17 -37.94
CA GLU A 242 3.15 -10.96 -38.72
C GLU A 242 1.84 -10.22 -38.96
N ALA A 243 0.80 -10.95 -39.39
CA ALA A 243 -0.50 -10.33 -39.59
C ALA A 243 -1.05 -9.78 -38.27
N LEU A 244 -0.83 -10.50 -37.17
CA LEU A 244 -1.31 -10.02 -35.88
C LEU A 244 -0.60 -8.74 -35.46
N VAL A 245 0.71 -8.63 -35.71
CA VAL A 245 1.43 -7.43 -35.31
C VAL A 245 1.03 -6.24 -36.19
N LYS A 246 0.77 -6.49 -37.49
CA LYS A 246 0.26 -5.42 -38.34
C LYS A 246 -1.12 -4.96 -37.89
N GLN A 247 -1.97 -5.92 -37.48
CA GLN A 247 -3.28 -5.59 -36.92
C GLN A 247 -3.14 -4.80 -35.62
N ILE A 248 -2.15 -5.14 -34.81
CA ILE A 248 -1.90 -4.41 -33.56
C ILE A 248 -1.56 -2.96 -33.87
N GLY A 249 -0.68 -2.74 -34.86
CA GLY A 249 -0.36 -1.38 -35.25
C GLY A 249 -1.58 -0.62 -35.78
N CYS A 250 -2.39 -1.29 -36.60
CA CYS A 250 -3.59 -0.66 -37.14
C CYS A 250 -4.55 -0.27 -36.02
N LEU A 251 -4.73 -1.14 -35.03
CA LEU A 251 -5.60 -0.82 -33.90
C LEU A 251 -5.04 0.32 -33.06
N ALA A 252 -3.73 0.29 -32.77
CA ALA A 252 -3.12 1.31 -31.95
C ALA A 252 -3.08 2.67 -32.63
N VAL A 253 -3.23 2.72 -33.95
CA VAL A 253 -3.29 4.00 -34.65
C VAL A 253 -4.43 4.86 -34.11
N SER A 254 -5.58 4.25 -33.84
CA SER A 254 -6.81 4.97 -33.51
C SER A 254 -7.09 5.02 -32.01
N GLN A 255 -6.06 5.14 -31.18
CA GLN A 255 -6.24 5.19 -29.73
C GLN A 255 -5.67 6.48 -29.16
N ALA A 256 -5.85 6.65 -27.85
CA ALA A 256 -5.37 7.84 -27.15
C ALA A 256 -5.07 7.48 -25.70
N GLY A 257 -4.01 8.06 -25.17
CA GLY A 257 -3.60 7.85 -23.80
C GLY A 257 -2.28 7.10 -23.70
N ALA A 258 -2.11 6.43 -22.56
CA ALA A 258 -0.92 5.62 -22.36
C ALA A 258 -0.99 4.31 -23.15
N MET A 259 -2.20 3.85 -23.45
CA MET A 259 -2.35 2.60 -24.19
C MET A 259 -1.73 2.69 -25.58
N ARG A 260 -1.81 3.85 -26.22
CA ARG A 260 -1.19 4.05 -27.52
C ARG A 260 0.31 3.79 -27.47
N LYS A 261 1.00 4.45 -26.54
CA LYS A 261 2.45 4.30 -26.42
C LYS A 261 2.83 2.89 -25.99
N VAL A 262 2.08 2.32 -25.03
CA VAL A 262 2.38 0.97 -24.56
C VAL A 262 2.25 -0.03 -25.70
N ALA A 263 1.15 0.05 -26.47
CA ALA A 263 0.95 -0.85 -27.59
C ALA A 263 2.01 -0.65 -28.65
N THR A 264 2.40 0.59 -28.92
CA THR A 264 3.44 0.85 -29.91
C THR A 264 4.74 0.18 -29.51
N TYR A 265 5.20 0.40 -28.28
CA TYR A 265 6.48 -0.16 -27.85
C TYR A 265 6.43 -1.69 -27.82
N PHE A 266 5.35 -2.26 -27.30
CA PHE A 266 5.24 -3.72 -27.27
C PHE A 266 5.15 -4.30 -28.68
N ALA A 267 4.55 -3.57 -29.63
CA ALA A 267 4.49 -4.05 -31.00
C ALA A 267 5.86 -4.05 -31.66
N GLU A 268 6.65 -2.99 -31.44
CA GLU A 268 8.02 -3.01 -31.95
C GLU A 268 8.81 -4.16 -31.35
N ALA A 269 8.64 -4.41 -30.04
CA ALA A 269 9.34 -5.51 -29.42
C ALA A 269 8.93 -6.86 -30.01
N LEU A 270 7.62 -7.05 -30.24
CA LEU A 270 7.13 -8.30 -30.82
C LEU A 270 7.65 -8.49 -32.23
N ALA A 271 7.65 -7.42 -33.04
CA ALA A 271 8.19 -7.51 -34.39
C ALA A 271 9.66 -7.88 -34.36
N ARG A 272 10.43 -7.28 -33.46
CA ARG A 272 11.84 -7.63 -33.33
C ARG A 272 12.02 -9.10 -32.97
N ARG A 273 11.20 -9.60 -32.04
CA ARG A 273 11.31 -11.01 -31.64
C ARG A 273 11.01 -11.94 -32.80
N ILE A 274 9.90 -11.69 -33.52
CA ILE A 274 9.55 -12.61 -34.61
C ILE A 274 10.56 -12.53 -35.75
N TYR A 275 11.11 -11.34 -36.03
CA TYR A 275 12.08 -11.24 -37.11
C TYR A 275 13.47 -11.71 -36.71
N ARG A 276 13.72 -11.87 -35.41
CA ARG A 276 14.94 -12.55 -34.97
C ARG A 276 14.76 -14.06 -34.92
N LEU A 277 13.53 -14.55 -34.69
CA LEU A 277 13.29 -15.98 -34.69
C LEU A 277 13.46 -16.58 -36.08
N SER A 278 12.99 -15.88 -37.11
CA SER A 278 13.11 -16.36 -38.48
C SER A 278 14.45 -15.97 -39.08
N LEU A 288 24.66 9.17 -24.69
CA LEU A 288 23.25 9.03 -25.02
C LEU A 288 22.46 8.46 -23.85
N SER A 289 22.97 7.36 -23.28
CA SER A 289 22.30 6.73 -22.14
C SER A 289 22.32 7.65 -20.92
N ASP A 290 23.42 8.39 -20.74
CA ASP A 290 23.52 9.29 -19.59
C ASP A 290 22.46 10.37 -19.63
N THR A 291 22.24 10.95 -20.82
CA THR A 291 21.21 11.99 -20.95
C THR A 291 19.82 11.41 -20.73
N LEU A 292 19.56 10.20 -21.23
CA LEU A 292 18.27 9.56 -21.00
C LEU A 292 18.04 9.32 -19.51
N GLN A 293 19.06 8.84 -18.80
CA GLN A 293 18.93 8.63 -17.36
C GLN A 293 18.76 9.95 -16.62
N MET A 294 19.42 11.02 -17.08
CA MET A 294 19.22 12.34 -16.46
C MET A 294 17.77 12.80 -16.63
N HIS A 295 17.21 12.61 -17.82
CA HIS A 295 15.81 12.98 -18.05
C HIS A 295 14.87 12.14 -17.19
N PHE A 296 15.15 10.84 -17.07
CA PHE A 296 14.34 9.98 -16.21
C PHE A 296 14.42 10.43 -14.76
N TYR A 297 15.61 10.81 -14.30
CA TYR A 297 15.77 11.36 -12.95
C TYR A 297 14.96 12.63 -12.77
N GLU A 298 14.95 13.49 -13.79
CA GLU A 298 14.22 14.75 -13.69
C GLU A 298 12.70 14.55 -13.68
N THR A 299 12.20 13.59 -14.46
CA THR A 299 10.76 13.44 -14.65
C THR A 299 10.10 12.49 -13.66
N CYS A 300 10.74 11.37 -13.33
CA CYS A 300 10.09 10.37 -12.50
C CYS A 300 10.69 10.37 -11.09
N PRO A 301 9.90 10.02 -10.07
CA PRO A 301 10.36 10.12 -8.68
C PRO A 301 11.09 8.91 -8.13
N TYR A 302 11.40 7.91 -8.95
CA TYR A 302 11.95 6.66 -8.42
C TYR A 302 13.40 6.80 -7.99
N LEU A 303 14.23 7.47 -8.80
CA LEU A 303 15.64 7.60 -8.47
C LEU A 303 15.87 8.44 -7.22
N LYS A 304 15.12 9.54 -7.07
CA LYS A 304 15.23 10.37 -5.88
C LYS A 304 14.82 9.60 -4.64
N PHE A 305 13.73 8.82 -4.73
CA PHE A 305 13.30 7.99 -3.61
C PHE A 305 14.38 6.99 -3.22
N ALA A 306 14.96 6.32 -4.21
CA ALA A 306 16.02 5.35 -3.95
C ALA A 306 17.20 6.01 -3.25
N HIS A 307 17.67 7.14 -3.79
CA HIS A 307 18.83 7.82 -3.21
C HIS A 307 18.54 8.27 -1.79
N PHE A 308 17.36 8.85 -1.55
CA PHE A 308 17.04 9.36 -0.22
C PHE A 308 16.97 8.24 0.80
N THR A 309 16.27 7.15 0.48
CA THR A 309 16.13 6.05 1.45
C THR A 309 17.48 5.39 1.72
N ALA A 310 18.27 5.15 0.67
CA ALA A 310 19.58 4.53 0.87
C ALA A 310 20.49 5.43 1.71
N ASN A 311 20.46 6.74 1.44
CA ASN A 311 21.31 7.66 2.19
C ASN A 311 20.90 7.73 3.65
N GLN A 312 19.59 7.70 3.93
CA GLN A 312 19.14 7.69 5.33
C GLN A 312 19.62 6.43 6.04
N ALA A 313 19.50 5.28 5.39
CA ALA A 313 19.98 4.04 6.01
C ALA A 313 21.48 4.09 6.27
N ILE A 314 22.25 4.59 5.29
CA ILE A 314 23.69 4.68 5.45
C ILE A 314 24.06 5.62 6.59
N LEU A 315 23.38 6.76 6.67
CA LEU A 315 23.64 7.71 7.75
C LEU A 315 23.37 7.09 9.11
N GLU A 316 22.27 6.34 9.24
CA GLU A 316 22.00 5.68 10.50
C GLU A 316 23.07 4.63 10.82
N ALA A 317 23.56 3.91 9.82
CA ALA A 317 24.56 2.88 10.07
C ALA A 317 25.96 3.44 10.36
N PHE A 318 26.22 4.69 9.99
CA PHE A 318 27.54 5.30 10.15
C PHE A 318 27.66 6.15 11.40
N GLU A 319 26.66 6.11 12.29
CA GLU A 319 26.68 6.96 13.47
C GLU A 319 27.80 6.55 14.42
N GLY A 320 28.46 7.54 15.00
CA GLY A 320 29.55 7.31 15.94
C GLY A 320 30.79 6.68 15.33
N LYS A 321 31.17 7.09 14.13
CA LYS A 321 32.34 6.55 13.45
C LYS A 321 33.25 7.70 13.03
N LYS A 322 34.53 7.38 12.84
CA LYS A 322 35.53 8.38 12.47
C LYS A 322 36.15 8.14 11.10
N ARG A 323 36.08 6.93 10.56
CA ARG A 323 36.62 6.63 9.24
C ARG A 323 35.65 5.69 8.52
N VAL A 324 35.11 6.14 7.39
CA VAL A 324 34.08 5.42 6.67
C VAL A 324 34.49 5.28 5.21
N HIS A 325 33.88 4.29 4.54
CA HIS A 325 34.15 3.97 3.15
C HIS A 325 32.85 3.51 2.51
N VAL A 326 32.60 3.97 1.29
CA VAL A 326 31.38 3.65 0.56
C VAL A 326 31.78 2.97 -0.74
N ILE A 327 31.20 1.80 -1.00
CA ILE A 327 31.41 1.06 -2.24
C ILE A 327 30.10 1.07 -3.02
N ASP A 328 30.11 1.70 -4.18
CA ASP A 328 28.92 1.86 -5.01
C ASP A 328 29.03 0.98 -6.25
N PHE A 329 28.03 0.13 -6.46
CA PHE A 329 27.93 -0.68 -7.66
C PHE A 329 27.23 0.06 -8.80
N SER A 330 26.60 1.19 -8.51
CA SER A 330 25.80 1.96 -9.46
C SER A 330 26.27 3.41 -9.49
N MET A 331 27.58 3.61 -9.66
CA MET A 331 28.17 4.94 -9.55
C MET A 331 27.48 5.95 -10.46
N ASN A 332 27.36 5.61 -11.74
CA ASN A 332 26.66 6.45 -12.74
C ASN A 332 27.29 7.84 -12.73
N GLN A 333 26.52 8.91 -12.53
CA GLN A 333 27.02 10.27 -12.56
C GLN A 333 27.26 10.84 -11.17
N GLY A 334 27.14 10.03 -10.12
CA GLY A 334 27.36 10.50 -8.77
C GLY A 334 26.35 11.51 -8.27
N LEU A 335 25.06 11.26 -8.50
CA LEU A 335 24.00 12.17 -8.09
C LEU A 335 23.50 11.91 -6.67
N GLN A 336 24.04 10.91 -5.99
CA GLN A 336 23.53 10.47 -4.69
C GLN A 336 24.33 11.00 -3.52
N TRP A 337 25.63 11.19 -3.69
CA TRP A 337 26.59 11.39 -2.61
C TRP A 337 26.66 12.78 -1.98
N PRO A 338 26.46 13.88 -2.71
CA PRO A 338 26.56 15.20 -2.07
C PRO A 338 25.65 15.38 -0.87
N ALA A 339 24.41 14.86 -0.92
CA ALA A 339 23.50 15.02 0.20
C ALA A 339 23.96 14.24 1.42
N LEU A 340 24.40 13.00 1.22
CA LEU A 340 24.93 12.21 2.33
C LEU A 340 26.17 12.88 2.93
N MET A 341 27.03 13.44 2.07
CA MET A 341 28.23 14.09 2.55
C MET A 341 27.90 15.34 3.37
N GLN A 342 26.93 16.12 2.92
CA GLN A 342 26.46 17.26 3.70
C GLN A 342 25.90 16.82 5.05
N ALA A 343 25.11 15.75 5.05
CA ALA A 343 24.55 15.25 6.30
C ALA A 343 25.66 14.79 7.26
N LEU A 344 26.69 14.14 6.73
CA LEU A 344 27.84 13.76 7.55
C LEU A 344 28.53 14.98 8.12
N ALA A 345 28.72 16.02 7.30
CA ALA A 345 29.36 17.25 7.76
C ALA A 345 28.52 17.98 8.80
N LEU A 346 27.21 17.78 8.82
CA LEU A 346 26.32 18.44 9.78
C LEU A 346 25.92 17.52 10.92
N ARG A 347 26.84 16.68 11.40
CA ARG A 347 26.55 15.72 12.44
C ARG A 347 26.98 16.24 13.81
N GLU A 348 26.39 15.67 14.85
CA GLU A 348 26.77 15.99 16.22
C GLU A 348 27.95 15.14 16.64
N GLY A 349 29.01 15.78 17.14
CA GLY A 349 30.21 15.12 17.58
C GLY A 349 31.37 15.18 16.61
N GLY A 350 31.12 15.52 15.35
CA GLY A 350 32.18 15.64 14.38
C GLY A 350 32.01 14.70 13.20
N PRO A 351 32.18 15.23 11.98
CA PRO A 351 32.08 14.38 10.81
C PRO A 351 33.22 13.39 10.75
N PRO A 352 33.01 12.21 10.13
CA PRO A 352 34.12 11.27 9.94
C PRO A 352 34.94 11.56 8.70
N THR A 353 35.88 10.66 8.38
CA THR A 353 36.69 10.74 7.18
C THR A 353 36.09 9.87 6.09
N PHE A 354 36.00 10.40 4.88
CA PHE A 354 35.20 9.82 3.80
C PHE A 354 36.10 9.22 2.72
N ARG A 355 35.82 7.97 2.35
CA ARG A 355 36.44 7.32 1.20
C ARG A 355 35.35 6.77 0.30
N LEU A 356 35.54 6.89 -1.01
CA LEU A 356 34.51 6.54 -1.98
C LEU A 356 35.09 5.67 -3.08
N THR A 357 34.36 4.60 -3.41
CA THR A 357 34.72 3.68 -4.48
C THR A 357 33.59 3.62 -5.48
N GLY A 358 33.92 3.82 -6.76
CA GLY A 358 32.90 3.82 -7.80
C GLY A 358 33.18 2.89 -8.96
N ILE A 359 32.30 1.91 -9.19
CA ILE A 359 32.50 0.89 -10.22
C ILE A 359 31.56 1.18 -11.39
N GLY A 360 32.10 1.18 -12.61
CA GLY A 360 31.28 1.41 -13.78
C GLY A 360 31.57 0.47 -14.94
N PRO A 361 30.57 0.28 -15.79
CA PRO A 361 30.73 -0.50 -17.00
C PRO A 361 31.84 0.05 -17.88
N PRO A 362 32.39 -0.75 -18.80
CA PRO A 362 33.34 -0.26 -19.83
C PRO A 362 32.65 0.41 -21.03
N ALA A 363 32.87 1.71 -21.17
CA ALA A 363 32.24 2.46 -22.25
C ALA A 363 32.85 2.07 -23.61
N PRO A 364 32.04 2.05 -24.67
CA PRO A 364 32.59 1.74 -26.01
C PRO A 364 33.65 2.72 -26.46
N ASP A 365 33.53 4.00 -26.08
CA ASP A 365 34.55 5.00 -26.38
C ASP A 365 35.60 5.12 -25.28
N ASN A 366 35.45 4.36 -24.19
CA ASN A 366 36.41 4.34 -23.08
C ASN A 366 36.63 5.74 -22.51
N SER A 367 35.52 6.44 -22.27
CA SER A 367 35.58 7.77 -21.68
C SER A 367 35.83 7.68 -20.17
N ASP A 368 36.53 8.68 -19.64
CA ASP A 368 36.89 8.71 -18.23
C ASP A 368 35.93 9.60 -17.45
N HIS A 369 34.67 9.17 -17.40
CA HIS A 369 33.66 9.94 -16.67
C HIS A 369 33.82 9.81 -15.17
N LEU A 370 34.37 8.68 -14.70
CA LEU A 370 34.51 8.47 -13.26
C LEU A 370 35.44 9.49 -12.64
N HIS A 371 36.53 9.84 -13.34
CA HIS A 371 37.45 10.85 -12.82
C HIS A 371 36.78 12.20 -12.69
N GLU A 372 35.97 12.59 -13.68
CA GLU A 372 35.25 13.86 -13.61
C GLU A 372 34.28 13.87 -12.43
N VAL A 373 33.53 12.76 -12.26
CA VAL A 373 32.61 12.69 -11.14
C VAL A 373 33.36 12.79 -9.81
N GLY A 374 34.50 12.11 -9.70
CA GLY A 374 35.26 12.15 -8.46
C GLY A 374 35.80 13.52 -8.13
N CYS A 375 36.35 14.22 -9.12
CA CYS A 375 36.86 15.57 -8.87
C CYS A 375 35.73 16.53 -8.50
N LYS A 376 34.59 16.42 -9.20
CA LYS A 376 33.45 17.27 -8.88
C LYS A 376 32.96 17.01 -7.46
N LEU A 377 32.98 15.75 -7.03
CA LEU A 377 32.64 15.43 -5.64
C LEU A 377 33.66 16.00 -4.67
N ALA A 378 34.94 15.93 -5.03
CA ALA A 378 36.01 16.40 -4.13
C ALA A 378 35.91 17.89 -3.89
N GLN A 379 35.48 18.65 -4.90
CA GLN A 379 35.32 20.10 -4.70
C GLN A 379 34.35 20.38 -3.55
N LEU A 380 33.15 19.81 -3.61
CA LEU A 380 32.18 20.00 -2.53
C LEU A 380 32.66 19.38 -1.23
N ALA A 381 33.44 18.30 -1.31
CA ALA A 381 34.00 17.68 -0.12
C ALA A 381 34.86 18.66 0.65
N GLU A 382 35.81 19.30 -0.05
CA GLU A 382 36.65 20.30 0.59
C GLU A 382 35.90 21.57 0.92
N ALA A 383 34.73 21.79 0.30
CA ALA A 383 33.96 23.00 0.60
C ALA A 383 33.46 23.01 2.04
N ILE A 384 33.03 21.86 2.56
CA ILE A 384 32.40 21.78 3.88
C ILE A 384 33.31 21.10 4.90
N HIS A 385 34.62 21.10 4.68
CA HIS A 385 35.61 20.58 5.62
C HIS A 385 35.36 19.11 5.95
N VAL A 386 35.47 18.27 4.93
CA VAL A 386 35.41 16.82 5.08
C VAL A 386 36.62 16.22 4.39
N GLU A 387 37.33 15.33 5.09
CA GLU A 387 38.49 14.66 4.53
C GLU A 387 38.01 13.59 3.53
N PHE A 388 38.35 13.79 2.26
CA PHE A 388 37.76 13.04 1.16
C PHE A 388 38.83 12.31 0.36
N GLU A 389 38.55 11.05 0.03
CA GLU A 389 39.36 10.27 -0.90
C GLU A 389 38.42 9.55 -1.87
N TYR A 390 38.77 9.54 -3.15
CA TYR A 390 37.92 8.95 -4.18
C TYR A 390 38.74 8.00 -5.05
N ARG A 391 38.06 6.99 -5.60
CA ARG A 391 38.76 5.98 -6.39
C ARG A 391 37.74 5.23 -7.23
N GLY A 392 38.09 4.92 -8.49
CA GLY A 392 37.14 4.26 -9.38
C GLY A 392 37.64 3.08 -10.18
N PHE A 393 36.73 2.22 -10.62
CA PHE A 393 37.04 1.07 -11.46
C PHE A 393 36.10 0.98 -12.65
N VAL A 394 36.57 0.25 -13.67
CA VAL A 394 35.74 -0.15 -14.81
C VAL A 394 35.70 -1.67 -14.85
N ALA A 395 34.48 -2.22 -14.90
CA ALA A 395 34.29 -3.66 -14.97
C ALA A 395 33.08 -3.95 -15.83
N ASN A 396 33.17 -5.01 -16.65
CA ASN A 396 32.06 -5.39 -17.52
C ASN A 396 30.94 -6.09 -16.77
N SER A 397 31.22 -6.62 -15.58
CA SER A 397 30.21 -7.30 -14.79
C SER A 397 30.64 -7.28 -13.33
N LEU A 398 29.65 -7.20 -12.44
CA LEU A 398 29.93 -7.24 -11.01
C LEU A 398 30.43 -8.60 -10.56
N ALA A 399 30.32 -9.63 -11.41
CA ALA A 399 30.87 -10.94 -11.11
C ALA A 399 32.36 -11.04 -11.43
N ASP A 400 32.94 -9.99 -12.01
CA ASP A 400 34.38 -9.93 -12.25
C ASP A 400 35.14 -9.27 -11.10
N LEU A 401 34.44 -8.89 -10.04
CA LEU A 401 35.03 -8.19 -8.92
C LEU A 401 35.51 -9.17 -7.85
N ASP A 402 36.50 -8.73 -7.08
CA ASP A 402 36.94 -9.45 -5.89
C ASP A 402 37.41 -8.44 -4.86
N ALA A 403 37.44 -8.87 -3.60
CA ALA A 403 37.83 -7.98 -2.51
C ALA A 403 39.32 -7.64 -2.51
N SER A 404 40.12 -8.36 -3.30
CA SER A 404 41.55 -8.08 -3.32
C SER A 404 41.86 -6.78 -4.06
N MET A 405 41.11 -6.50 -5.13
CA MET A 405 41.32 -5.27 -5.91
C MET A 405 40.58 -4.08 -5.35
N LEU A 406 39.81 -4.26 -4.27
CA LEU A 406 39.08 -3.15 -3.67
C LEU A 406 39.95 -2.31 -2.73
N GLU A 407 41.15 -2.79 -2.39
CA GLU A 407 42.09 -2.09 -1.52
C GLU A 407 41.43 -1.68 -0.21
N LEU A 408 41.04 -2.69 0.56
CA LEU A 408 40.34 -2.48 1.82
C LEU A 408 41.34 -2.33 2.97
N ARG A 409 40.87 -1.70 4.02
CA ARG A 409 41.59 -1.47 5.26
C ARG A 409 40.94 -2.26 6.40
N PRO A 410 41.60 -2.37 7.56
CA PRO A 410 41.02 -3.14 8.65
C PRO A 410 39.64 -2.63 9.05
N SER A 411 38.75 -3.57 9.39
CA SER A 411 37.38 -3.21 9.75
C SER A 411 37.34 -2.38 11.02
N ASP A 412 38.18 -2.71 12.00
CA ASP A 412 38.25 -1.91 13.21
C ASP A 412 38.74 -0.49 12.94
N THR A 413 39.40 -0.27 11.81
CA THR A 413 39.89 1.05 11.44
C THR A 413 38.89 1.83 10.59
N GLU A 414 38.25 1.17 9.62
CA GLU A 414 37.36 1.83 8.68
C GLU A 414 36.07 1.03 8.56
N ALA A 415 34.93 1.71 8.67
CA ALA A 415 33.64 1.09 8.38
C ALA A 415 33.38 1.13 6.88
N VAL A 416 32.56 0.18 6.41
CA VAL A 416 32.28 0.03 4.99
C VAL A 416 30.78 -0.11 4.78
N ALA A 417 30.24 0.61 3.79
CA ALA A 417 28.85 0.50 3.39
C ALA A 417 28.76 0.22 1.91
N VAL A 418 27.94 -0.76 1.53
CA VAL A 418 27.77 -1.16 0.14
C VAL A 418 26.41 -0.69 -0.36
N ASN A 419 26.39 -0.13 -1.58
CA ASN A 419 25.19 0.44 -2.16
C ASN A 419 24.90 -0.19 -3.51
N SER A 420 23.60 -0.35 -3.82
CA SER A 420 23.18 -0.88 -5.11
C SER A 420 21.78 -0.38 -5.44
N VAL A 421 21.66 0.33 -6.56
CA VAL A 421 20.39 0.87 -7.02
C VAL A 421 20.16 0.39 -8.45
N PHE A 422 19.20 -0.53 -8.63
CA PHE A 422 18.81 -1.05 -9.95
C PHE A 422 19.99 -1.67 -10.68
N GLU A 423 20.73 -2.54 -9.99
CA GLU A 423 21.91 -3.16 -10.57
C GLU A 423 22.01 -4.67 -10.36
N LEU A 424 21.35 -5.24 -9.36
CA LEU A 424 21.52 -6.66 -9.07
C LEU A 424 20.80 -7.54 -10.08
N HIS A 425 19.64 -7.10 -10.57
CA HIS A 425 18.85 -7.92 -11.48
C HIS A 425 19.56 -8.18 -12.81
N LYS A 426 20.57 -7.39 -13.14
CA LYS A 426 21.36 -7.63 -14.34
C LYS A 426 22.33 -8.79 -14.18
N LEU A 427 22.55 -9.28 -12.97
CA LEU A 427 23.40 -10.43 -12.72
C LEU A 427 22.67 -11.75 -12.87
N LEU A 428 21.35 -11.72 -13.10
CA LEU A 428 20.58 -12.94 -13.25
C LEU A 428 20.71 -13.56 -14.64
N GLY A 429 21.22 -12.82 -15.61
CA GLY A 429 21.51 -13.42 -16.90
C GLY A 429 22.65 -14.43 -16.84
N ARG A 430 23.69 -14.10 -16.08
CA ARG A 430 24.79 -15.03 -15.90
C ARG A 430 24.35 -16.21 -15.02
N PRO A 431 24.68 -17.44 -15.40
CA PRO A 431 24.18 -18.60 -14.63
C PRO A 431 24.61 -18.62 -13.18
N GLY A 432 25.82 -18.15 -12.86
CA GLY A 432 26.30 -18.20 -11.50
C GLY A 432 26.87 -16.88 -10.99
N GLY A 433 26.24 -15.77 -11.38
CA GLY A 433 26.77 -14.46 -11.07
C GLY A 433 26.38 -13.89 -9.71
N ILE A 434 25.12 -14.08 -9.31
CA ILE A 434 24.63 -13.46 -8.08
C ILE A 434 25.33 -14.07 -6.86
N GLU A 435 25.59 -15.38 -6.90
CA GLU A 435 26.25 -16.03 -5.77
C GLU A 435 27.67 -15.48 -5.58
N LYS A 436 28.41 -15.29 -6.66
CA LYS A 436 29.76 -14.75 -6.55
C LYS A 436 29.76 -13.34 -5.98
N VAL A 437 28.83 -12.50 -6.45
CA VAL A 437 28.77 -11.12 -5.98
C VAL A 437 28.38 -11.09 -4.51
N LEU A 438 27.42 -11.92 -4.10
CA LEU A 438 27.03 -11.96 -2.69
C LEU A 438 28.16 -12.51 -1.82
N GLY A 439 28.94 -13.46 -2.33
CA GLY A 439 30.11 -13.92 -1.59
C GLY A 439 31.14 -12.83 -1.42
N VAL A 440 31.36 -12.02 -2.46
CA VAL A 440 32.27 -10.89 -2.34
C VAL A 440 31.76 -9.89 -1.31
N VAL A 441 30.45 -9.62 -1.33
CA VAL A 441 29.84 -8.71 -0.36
C VAL A 441 30.05 -9.23 1.05
N LYS A 442 29.87 -10.54 1.26
CA LYS A 442 30.11 -11.12 2.57
C LYS A 442 31.58 -11.01 2.98
N GLN A 443 32.49 -11.20 2.01
CA GLN A 443 33.92 -11.07 2.31
C GLN A 443 34.29 -9.66 2.71
N ILE A 444 33.61 -8.66 2.15
CA ILE A 444 33.90 -7.27 2.51
C ILE A 444 33.60 -7.02 3.99
N LYS A 445 32.56 -7.67 4.51
CA LYS A 445 32.06 -7.50 5.88
C LYS A 445 31.65 -6.04 6.12
N PRO A 446 30.66 -5.53 5.41
CA PRO A 446 30.25 -4.14 5.63
C PRO A 446 29.36 -4.01 6.86
N VAL A 447 29.07 -2.76 7.21
CA VAL A 447 28.10 -2.50 8.27
C VAL A 447 26.68 -2.41 7.74
N ILE A 448 26.50 -2.07 6.45
CA ILE A 448 25.17 -2.01 5.86
C ILE A 448 25.30 -2.25 4.36
N PHE A 449 24.29 -2.93 3.81
CA PHE A 449 24.18 -3.20 2.38
C PHE A 449 22.80 -2.73 1.95
N THR A 450 22.75 -1.69 1.13
CA THR A 450 21.50 -1.06 0.73
C THR A 450 21.16 -1.45 -0.70
N VAL A 451 19.93 -1.93 -0.90
CA VAL A 451 19.48 -2.43 -2.20
C VAL A 451 18.17 -1.75 -2.57
N VAL A 452 18.10 -1.21 -3.78
CA VAL A 452 16.86 -0.70 -4.35
C VAL A 452 16.55 -1.48 -5.61
N GLU A 453 15.33 -1.99 -5.72
CA GLU A 453 14.94 -2.84 -6.84
C GLU A 453 13.52 -2.54 -7.28
N GLN A 454 13.13 -3.14 -8.40
CA GLN A 454 11.79 -3.04 -8.94
C GLN A 454 10.98 -4.25 -8.50
N GLU A 455 9.73 -4.01 -8.09
CA GLU A 455 8.87 -5.05 -7.52
C GLU A 455 7.93 -5.56 -8.60
N SER A 456 8.35 -6.63 -9.28
CA SER A 456 7.56 -7.27 -10.31
C SER A 456 8.24 -8.58 -10.70
N ASN A 457 7.44 -9.61 -10.95
CA ASN A 457 7.94 -10.94 -11.32
C ASN A 457 8.08 -10.98 -12.84
N HIS A 458 9.29 -10.70 -13.34
CA HIS A 458 9.58 -10.68 -14.77
C HIS A 458 10.68 -11.66 -15.12
N ASN A 459 10.85 -12.72 -14.32
CA ASN A 459 11.90 -13.71 -14.51
C ASN A 459 11.34 -15.12 -14.45
N GLY A 460 10.16 -15.31 -15.05
CA GLY A 460 9.54 -16.61 -15.08
C GLY A 460 10.11 -17.50 -16.16
N PRO A 461 9.81 -18.80 -16.06
CA PRO A 461 10.30 -19.75 -17.08
C PRO A 461 9.47 -19.81 -18.34
N VAL A 462 8.26 -19.25 -18.36
CA VAL A 462 7.37 -19.28 -19.51
C VAL A 462 7.28 -17.88 -20.08
N PHE A 463 7.46 -17.77 -21.41
CA PHE A 463 7.51 -16.46 -22.06
C PHE A 463 6.18 -15.72 -21.95
N LEU A 464 5.06 -16.43 -22.11
CA LEU A 464 3.75 -15.77 -22.11
C LEU A 464 3.44 -15.15 -20.76
N ASP A 465 3.77 -15.83 -19.66
CA ASP A 465 3.52 -15.28 -18.33
C ASP A 465 4.36 -14.03 -18.09
N ARG A 466 5.63 -14.06 -18.50
CA ARG A 466 6.45 -12.85 -18.42
C ARG A 466 5.85 -11.73 -19.26
N PHE A 467 5.35 -12.06 -20.44
CA PHE A 467 4.76 -11.05 -21.31
C PHE A 467 3.58 -10.37 -20.64
N THR A 468 2.65 -11.15 -20.08
CA THR A 468 1.46 -10.55 -19.49
C THR A 468 1.79 -9.77 -18.22
N GLU A 469 2.70 -10.29 -17.39
CA GLU A 469 3.09 -9.58 -16.18
C GLU A 469 3.76 -8.25 -16.53
N SER A 470 4.67 -8.26 -17.50
CA SER A 470 5.33 -7.02 -17.91
C SER A 470 4.36 -6.05 -18.55
N LEU A 471 3.37 -6.56 -19.30
CA LEU A 471 2.35 -5.69 -19.84
C LEU A 471 1.59 -4.97 -18.74
N HIS A 472 1.19 -5.72 -17.70
CA HIS A 472 0.52 -5.10 -16.55
C HIS A 472 1.40 -4.01 -15.94
N TYR A 473 2.66 -4.36 -15.66
CA TYR A 473 3.56 -3.45 -14.95
C TYR A 473 3.79 -2.16 -15.74
N TYR A 474 4.08 -2.29 -17.04
CA TYR A 474 4.40 -1.11 -17.82
C TYR A 474 3.15 -0.30 -18.18
N SER A 475 1.99 -0.94 -18.27
CA SER A 475 0.75 -0.18 -18.38
C SER A 475 0.55 0.68 -17.14
N THR A 476 0.82 0.11 -15.96
CA THR A 476 0.74 0.91 -14.74
C THR A 476 1.74 2.06 -14.75
N LEU A 477 2.97 1.78 -15.21
CA LEU A 477 3.99 2.83 -15.26
C LEU A 477 3.57 3.98 -16.17
N PHE A 478 3.07 3.66 -17.37
CA PHE A 478 2.66 4.72 -18.29
C PHE A 478 1.41 5.45 -17.80
N ASP A 479 0.50 4.74 -17.13
CA ASP A 479 -0.65 5.41 -16.53
C ASP A 479 -0.21 6.41 -15.47
N SER A 480 0.77 6.03 -14.64
CA SER A 480 1.31 6.97 -13.67
C SER A 480 1.99 8.15 -14.34
N LEU A 481 2.72 7.88 -15.44
CA LEU A 481 3.42 8.95 -16.15
C LEU A 481 2.48 9.87 -16.91
N GLU A 482 1.23 9.47 -17.12
CA GLU A 482 0.27 10.35 -17.80
C GLU A 482 0.20 11.74 -17.19
N GLY A 483 0.25 11.83 -15.86
CA GLY A 483 -0.02 13.09 -15.18
C GLY A 483 1.04 14.16 -15.31
N VAL A 484 2.24 13.81 -15.78
CA VAL A 484 3.33 14.78 -15.83
C VAL A 484 3.09 15.76 -16.97
N PRO A 485 3.35 17.05 -16.78
CA PRO A 485 3.24 18.01 -17.90
C PRO A 485 4.22 17.68 -19.01
N ASN A 486 3.85 18.07 -20.23
CA ASN A 486 4.66 17.78 -21.40
C ASN A 486 5.98 18.53 -21.39
N SER A 487 7.05 17.84 -21.74
CA SER A 487 8.39 18.42 -21.83
C SER A 487 9.28 17.42 -22.57
N GLN A 488 10.50 17.88 -22.91
CA GLN A 488 11.46 17.01 -23.57
C GLN A 488 11.90 15.86 -22.66
N ASP A 489 12.08 16.15 -21.37
CA ASP A 489 12.47 15.11 -20.42
C ASP A 489 11.45 13.99 -20.38
N LYS A 490 10.16 14.31 -20.52
CA LYS A 490 9.12 13.29 -20.51
C LYS A 490 9.25 12.34 -21.70
N VAL A 491 9.49 12.88 -22.89
CA VAL A 491 9.62 12.02 -24.07
C VAL A 491 10.91 11.21 -23.99
N MET A 492 11.97 11.78 -23.40
CA MET A 492 13.19 11.00 -23.24
C MET A 492 13.00 9.86 -22.24
N SER A 493 12.24 10.11 -21.16
CA SER A 493 11.90 9.04 -20.23
C SER A 493 11.07 7.96 -20.90
N GLU A 494 10.14 8.37 -21.77
CA GLU A 494 9.36 7.39 -22.52
C GLU A 494 10.24 6.54 -23.41
N VAL A 495 11.23 7.16 -24.07
CA VAL A 495 12.17 6.39 -24.90
C VAL A 495 12.96 5.41 -24.05
N TYR A 496 13.40 5.84 -22.86
CA TYR A 496 14.12 4.98 -21.93
C TYR A 496 13.28 3.76 -21.56
N LEU A 497 12.02 3.98 -21.19
CA LEU A 497 11.13 2.88 -20.83
C LEU A 497 10.87 1.96 -22.02
N GLY A 498 10.74 2.53 -23.22
CA GLY A 498 10.56 1.72 -24.41
C GLY A 498 11.76 0.83 -24.69
N LYS A 499 12.97 1.34 -24.47
CA LYS A 499 14.16 0.50 -24.60
C LYS A 499 14.13 -0.63 -23.58
N GLN A 500 13.71 -0.34 -22.35
CA GLN A 500 13.57 -1.39 -21.34
C GLN A 500 12.60 -2.47 -21.81
N ILE A 501 11.45 -2.06 -22.35
CA ILE A 501 10.44 -3.02 -22.82
C ILE A 501 10.99 -3.86 -23.96
N CYS A 502 11.70 -3.22 -24.90
CA CYS A 502 12.26 -3.94 -26.03
C CYS A 502 13.24 -5.01 -25.57
N ASN A 503 14.13 -4.66 -24.63
CA ASN A 503 15.05 -5.66 -24.11
C ASN A 503 14.31 -6.78 -23.39
N LEU A 504 13.28 -6.44 -22.62
CA LEU A 504 12.55 -7.45 -21.87
C LEU A 504 11.88 -8.46 -22.81
N VAL A 505 11.28 -7.98 -23.90
CA VAL A 505 10.46 -8.85 -24.73
C VAL A 505 11.31 -9.60 -25.76
N ALA A 506 12.24 -8.91 -26.43
CA ALA A 506 12.91 -9.49 -27.57
C ALA A 506 14.05 -10.43 -27.17
N CYS A 507 14.97 -9.96 -26.34
CA CYS A 507 16.23 -10.67 -26.14
C CYS A 507 16.02 -11.93 -25.30
N GLU A 508 17.01 -12.82 -25.36
CA GLU A 508 16.99 -14.07 -24.61
C GLU A 508 18.39 -14.40 -24.11
N GLY A 509 18.47 -15.32 -23.15
CA GLY A 509 19.74 -15.73 -22.60
C GLY A 509 20.46 -14.62 -21.87
N PRO A 510 21.80 -14.66 -21.89
CA PRO A 510 22.60 -13.59 -21.24
C PRO A 510 22.37 -12.19 -21.77
N ASP A 511 21.91 -12.11 -23.03
CA ASP A 511 21.59 -10.83 -23.64
C ASP A 511 20.39 -10.17 -22.99
N ARG A 512 19.59 -10.92 -22.25
CA ARG A 512 18.45 -10.35 -21.52
C ARG A 512 18.91 -10.00 -20.10
N VAL A 513 18.81 -8.72 -19.76
CA VAL A 513 19.28 -8.23 -18.46
C VAL A 513 18.15 -7.70 -17.59
N GLU A 514 16.98 -7.39 -18.17
CA GLU A 514 15.87 -6.84 -17.40
C GLU A 514 15.05 -7.96 -16.75
N ARG A 515 15.72 -8.69 -15.86
CA ARG A 515 15.11 -9.83 -15.16
C ARG A 515 14.76 -9.41 -13.73
N HIS A 516 13.59 -8.78 -13.60
CA HIS A 516 13.16 -8.27 -12.30
C HIS A 516 12.55 -9.38 -11.46
N GLU A 517 12.45 -9.13 -10.15
CA GLU A 517 11.92 -10.09 -9.21
C GLU A 517 11.13 -9.34 -8.14
N THR A 518 10.56 -10.09 -7.21
CA THR A 518 9.79 -9.54 -6.10
C THR A 518 10.60 -9.60 -4.81
N LEU A 519 10.04 -9.00 -3.76
CA LEU A 519 10.74 -8.91 -2.49
C LEU A 519 10.94 -10.28 -1.85
N SER A 520 9.98 -11.20 -2.04
CA SER A 520 10.12 -12.53 -1.44
C SER A 520 11.31 -13.28 -2.04
N GLN A 521 11.45 -13.23 -3.36
CA GLN A 521 12.55 -13.95 -4.01
C GLN A 521 13.90 -13.34 -3.67
N TRP A 522 13.99 -12.01 -3.66
CA TRP A 522 15.22 -11.34 -3.27
C TRP A 522 15.57 -11.66 -1.82
N GLY A 523 14.56 -11.67 -0.94
CA GLY A 523 14.81 -12.03 0.45
C GLY A 523 15.29 -13.46 0.61
N ASN A 524 14.71 -14.38 -0.17
CA ASN A 524 15.17 -15.76 -0.15
C ASN A 524 16.63 -15.85 -0.57
N ARG A 525 17.00 -15.17 -1.65
CA ARG A 525 18.39 -15.18 -2.11
C ARG A 525 19.32 -14.61 -1.05
N PHE A 526 18.95 -13.46 -0.46
CA PHE A 526 19.80 -12.83 0.54
C PHE A 526 19.94 -13.70 1.79
N GLY A 527 18.84 -14.31 2.25
CA GLY A 527 18.93 -15.19 3.38
C GLY A 527 19.77 -16.42 3.11
N SER A 528 19.70 -16.95 1.89
CA SER A 528 20.58 -18.06 1.53
C SER A 528 22.04 -17.62 1.46
N SER A 529 22.29 -16.35 1.17
CA SER A 529 23.66 -15.84 1.13
C SER A 529 24.26 -15.63 2.51
N GLY A 530 23.46 -15.65 3.57
CA GLY A 530 23.95 -15.45 4.91
C GLY A 530 23.79 -14.05 5.47
N LEU A 531 22.72 -13.35 5.13
CA LEU A 531 22.49 -11.99 5.60
C LEU A 531 21.23 -11.94 6.46
N ALA A 532 21.06 -10.82 7.14
CA ALA A 532 19.92 -10.58 8.02
C ALA A 532 19.33 -9.21 7.72
N PRO A 533 18.01 -9.07 7.84
CA PRO A 533 17.38 -7.77 7.55
C PRO A 533 17.76 -6.72 8.58
N ALA A 534 17.82 -5.48 8.11
CA ALA A 534 18.01 -4.30 8.97
C ALA A 534 16.80 -3.39 8.75
N HIS A 535 15.88 -3.40 9.69
CA HIS A 535 14.60 -2.74 9.52
C HIS A 535 14.77 -1.23 9.46
N LEU A 536 13.97 -0.58 8.61
CA LEU A 536 13.97 0.86 8.47
C LEU A 536 12.95 1.48 9.41
N GLY A 537 13.18 2.74 9.78
CA GLY A 537 12.38 3.42 10.78
C GLY A 537 11.35 4.37 10.19
N SER A 538 10.64 5.03 11.10
CA SER A 538 9.60 5.98 10.71
C SER A 538 10.16 7.29 10.19
N ASN A 539 11.40 7.65 10.56
CA ASN A 539 11.99 8.88 10.06
C ASN A 539 12.24 8.81 8.56
N ALA A 540 12.76 7.68 8.07
CA ALA A 540 12.95 7.53 6.63
C ALA A 540 11.62 7.60 5.89
N PHE A 541 10.58 6.98 6.48
CA PHE A 541 9.24 7.03 5.90
C PHE A 541 8.74 8.46 5.80
N LYS A 542 8.92 9.25 6.87
CA LYS A 542 8.46 10.63 6.86
C LYS A 542 9.24 11.48 5.85
N GLN A 543 10.55 11.28 5.77
CA GLN A 543 11.35 12.00 4.78
C GLN A 543 10.90 11.68 3.36
N ALA A 544 10.68 10.40 3.05
CA ALA A 544 10.24 10.03 1.71
C ALA A 544 8.86 10.60 1.41
N SER A 545 7.95 10.57 2.38
CA SER A 545 6.61 11.12 2.16
C SER A 545 6.66 12.61 1.90
N MET A 546 7.49 13.34 2.66
CA MET A 546 7.59 14.79 2.44
C MET A 546 8.25 15.10 1.11
N LEU A 547 9.20 14.27 0.67
CA LEU A 547 9.79 14.46 -0.66
C LEU A 547 8.73 14.28 -1.75
N LEU A 548 7.90 13.24 -1.62
CA LEU A 548 6.83 13.02 -2.60
C LEU A 548 5.82 14.16 -2.60
N SER A 549 5.42 14.62 -1.42
CA SER A 549 4.42 15.69 -1.32
C SER A 549 4.93 17.02 -1.84
N VAL A 550 6.23 17.16 -2.08
CA VAL A 550 6.82 18.38 -2.61
C VAL A 550 7.07 18.28 -4.11
N PHE A 551 7.71 17.20 -4.57
CA PHE A 551 8.11 17.12 -5.96
C PHE A 551 7.01 16.62 -6.90
N ASN A 552 5.93 16.04 -6.38
CA ASN A 552 4.85 15.54 -7.23
C ASN A 552 3.51 16.20 -6.90
N SER A 553 3.16 16.29 -5.62
CA SER A 553 1.97 17.01 -5.15
C SER A 553 0.66 16.37 -5.60
N GLY A 554 0.30 16.54 -6.87
CA GLY A 554 -0.98 16.07 -7.35
C GLY A 554 -1.04 14.61 -7.70
N GLN A 555 0.05 14.07 -8.25
CA GLN A 555 0.10 12.68 -8.66
C GLN A 555 0.00 11.76 -7.45
N GLY A 556 -0.67 10.63 -7.64
CA GLY A 556 -0.99 9.74 -6.54
C GLY A 556 0.07 8.71 -6.19
N TYR A 557 1.24 9.16 -5.77
CA TYR A 557 2.30 8.26 -5.32
C TYR A 557 2.21 8.06 -3.82
N ARG A 558 2.44 6.83 -3.37
CA ARG A 558 2.30 6.46 -1.98
C ARG A 558 3.51 5.65 -1.51
N VAL A 559 3.77 5.74 -0.20
CA VAL A 559 4.84 5.01 0.48
C VAL A 559 4.21 4.01 1.43
N GLU A 560 4.78 2.81 1.49
CA GLU A 560 4.28 1.75 2.34
C GLU A 560 5.44 1.08 3.06
N GLU A 561 5.15 0.47 4.20
CA GLU A 561 6.13 -0.27 4.98
C GLU A 561 5.73 -1.74 5.04
N SER A 562 6.68 -2.63 4.79
CA SER A 562 6.37 -4.06 4.80
C SER A 562 7.64 -4.84 5.09
N ASN A 563 7.61 -5.65 6.14
CA ASN A 563 8.71 -6.56 6.50
C ASN A 563 10.02 -5.81 6.72
N GLY A 564 9.94 -4.59 7.25
CA GLY A 564 11.12 -3.79 7.47
C GLY A 564 11.64 -3.07 6.24
N CYS A 565 10.97 -3.18 5.12
CA CYS A 565 11.38 -2.56 3.86
C CYS A 565 10.38 -1.48 3.48
N LEU A 566 10.83 -0.55 2.64
CA LEU A 566 10.00 0.55 2.18
C LEU A 566 9.61 0.33 0.73
N MET A 567 8.36 0.65 0.39
CA MET A 567 7.84 0.47 -0.95
C MET A 567 7.28 1.78 -1.48
N LEU A 568 7.60 2.08 -2.73
CA LEU A 568 7.02 3.21 -3.45
C LEU A 568 6.09 2.66 -4.52
N GLY A 569 4.86 3.20 -4.56
CA GLY A 569 3.88 2.72 -5.53
C GLY A 569 2.98 3.83 -5.99
N TRP A 570 2.15 3.50 -6.99
CA TRP A 570 1.15 4.42 -7.53
C TRP A 570 -0.21 3.96 -7.03
N HIS A 571 -0.86 4.79 -6.21
CA HIS A 571 -2.11 4.44 -5.52
C HIS A 571 -1.83 3.19 -4.69
N THR A 572 -2.48 2.06 -4.96
CA THR A 572 -2.30 0.85 -4.17
C THR A 572 -1.41 -0.18 -4.86
N ARG A 573 -0.76 0.18 -5.96
CA ARG A 573 0.08 -0.75 -6.70
C ARG A 573 1.55 -0.45 -6.46
N PRO A 574 2.28 -1.31 -5.75
CA PRO A 574 3.71 -1.04 -5.51
C PRO A 574 4.53 -1.10 -6.78
N LEU A 575 5.56 -0.26 -6.85
CA LEU A 575 6.44 -0.20 -8.01
C LEU A 575 7.88 -0.53 -7.69
N ILE A 576 8.47 0.08 -6.65
CA ILE A 576 9.87 -0.16 -6.32
C ILE A 576 10.00 -0.37 -4.81
N THR A 577 11.12 -0.97 -4.42
CA THR A 577 11.35 -1.36 -3.03
C THR A 577 12.78 -1.04 -2.62
N THR A 578 12.92 -0.47 -1.42
CA THR A 578 14.22 -0.22 -0.79
C THR A 578 14.34 -1.09 0.45
N SER A 579 15.51 -1.71 0.61
CA SER A 579 15.79 -2.56 1.77
C SER A 579 17.25 -2.43 2.16
N ALA A 580 17.53 -2.80 3.41
CA ALA A 580 18.88 -2.77 3.95
C ALA A 580 19.16 -4.09 4.67
N TRP A 581 20.42 -4.52 4.62
CA TRP A 581 20.82 -5.82 5.13
C TRP A 581 22.14 -5.69 5.87
N LYS A 582 22.39 -6.65 6.77
CA LYS A 582 23.61 -6.71 7.54
C LYS A 582 24.03 -8.17 7.68
N LEU A 583 25.17 -8.39 8.33
CA LEU A 583 25.69 -9.75 8.48
C LEU A 583 24.87 -10.52 9.50
N SER A 584 24.50 -11.75 9.15
CA SER A 584 23.77 -12.61 10.07
C SER A 584 24.67 -13.04 11.21
N THR A 585 24.09 -13.09 12.41
CA THR A 585 24.84 -13.47 13.61
C THR A 585 25.12 -14.97 13.62
N ILE B 12 -9.19 -4.84 34.05
CA ILE B 12 -9.49 -6.21 34.42
C ILE B 12 -10.95 -6.54 34.11
N GLU B 13 -11.78 -5.50 34.00
CA GLU B 13 -13.18 -5.71 33.67
C GLU B 13 -13.35 -6.13 32.22
N SER B 14 -12.65 -5.46 31.30
CA SER B 14 -12.71 -5.84 29.89
C SER B 14 -11.96 -7.14 29.59
N ARG B 15 -11.16 -7.63 30.54
CA ARG B 15 -10.41 -8.86 30.35
C ARG B 15 -11.28 -10.11 30.45
N THR B 16 -12.46 -10.01 31.05
CA THR B 16 -13.32 -11.16 31.28
C THR B 16 -14.45 -11.29 30.27
N VAL B 17 -14.52 -10.39 29.29
CA VAL B 17 -15.61 -10.39 28.31
C VAL B 17 -15.15 -10.71 26.91
N VAL B 18 -13.85 -10.82 26.68
CA VAL B 18 -13.31 -11.11 25.34
C VAL B 18 -12.21 -12.14 25.46
N PRO B 19 -11.91 -12.84 24.35
CA PRO B 19 -10.73 -13.68 24.32
C PRO B 19 -9.45 -12.84 24.35
N LEU B 20 -8.34 -13.50 24.70
CA LEU B 20 -7.09 -12.79 24.96
C LEU B 20 -6.56 -12.10 23.71
N ASN B 21 -6.61 -12.77 22.55
CA ASN B 21 -6.08 -12.18 21.33
C ASN B 21 -6.92 -10.97 20.89
N THR B 22 -8.23 -11.06 21.03
CA THR B 22 -9.09 -9.91 20.74
C THR B 22 -8.75 -8.73 21.65
N TRP B 23 -8.55 -9.01 22.94
CA TRP B 23 -8.16 -7.97 23.88
C TRP B 23 -6.84 -7.32 23.47
N VAL B 24 -5.87 -8.14 23.05
CA VAL B 24 -4.57 -7.61 22.62
C VAL B 24 -4.75 -6.69 21.42
N LEU B 25 -5.55 -7.12 20.44
CA LEU B 25 -5.75 -6.32 19.24
C LEU B 25 -6.38 -4.97 19.57
N ILE B 26 -7.45 -4.97 20.35
CA ILE B 26 -8.14 -3.71 20.65
C ILE B 26 -7.26 -2.81 21.50
N SER B 27 -6.53 -3.38 22.46
CA SER B 27 -5.66 -2.56 23.31
C SER B 27 -4.53 -1.92 22.49
N ASN B 28 -3.95 -2.67 21.56
CA ASN B 28 -2.90 -2.11 20.71
C ASN B 28 -3.43 -0.97 19.87
N PHE B 29 -4.62 -1.15 19.27
CA PHE B 29 -5.22 -0.04 18.52
C PHE B 29 -5.44 1.16 19.42
N LYS B 30 -5.92 0.93 20.64
CA LYS B 30 -6.21 2.01 21.57
C LYS B 30 -4.95 2.82 21.89
N VAL B 31 -3.84 2.13 22.20
CA VAL B 31 -2.63 2.86 22.59
C VAL B 31 -2.02 3.60 21.40
N ALA B 32 -2.04 2.97 20.21
CA ALA B 32 -1.53 3.66 19.04
C ALA B 32 -2.33 4.92 18.74
N TYR B 33 -3.66 4.83 18.82
CA TYR B 33 -4.49 6.00 18.55
C TYR B 33 -4.34 7.04 19.65
N ASN B 34 -4.03 6.62 20.87
CA ASN B 34 -3.66 7.57 21.92
C ASN B 34 -2.42 8.35 21.52
N ILE B 35 -1.43 7.66 20.96
CA ILE B 35 -0.22 8.36 20.51
C ILE B 35 -0.54 9.35 19.40
N LEU B 36 -1.38 8.95 18.44
CA LEU B 36 -1.52 9.72 17.21
C LEU B 36 -2.34 11.01 17.34
N ARG B 37 -2.98 11.28 18.48
CA ARG B 37 -3.85 12.44 18.61
C ARG B 37 -3.15 13.58 19.34
N ARG B 38 -3.33 14.81 18.83
CA ARG B 38 -2.75 16.01 19.44
C ARG B 38 -3.84 16.89 20.04
N PRO B 39 -3.55 17.57 21.15
CA PRO B 39 -4.59 18.36 21.85
C PRO B 39 -5.17 19.50 21.04
N ASP B 40 -4.42 20.07 20.09
CA ASP B 40 -4.86 21.26 19.36
C ASP B 40 -5.64 20.91 18.09
N GLY B 41 -6.27 19.74 18.05
CA GLY B 41 -6.98 19.34 16.84
C GLY B 41 -6.09 19.07 15.65
N THR B 42 -4.96 18.41 15.87
CA THR B 42 -3.99 18.12 14.83
C THR B 42 -3.73 16.61 14.82
N PHE B 43 -3.49 16.06 13.63
CA PHE B 43 -3.26 14.64 13.46
C PHE B 43 -1.86 14.40 12.92
N ASN B 44 -1.27 13.27 13.33
CA ASN B 44 0.05 12.86 12.86
C ASN B 44 -0.15 11.81 11.77
N ARG B 45 -0.32 12.27 10.52
CA ARG B 45 -0.68 11.37 9.44
C ARG B 45 0.48 10.47 9.02
N HIS B 46 1.71 10.97 9.06
CA HIS B 46 2.85 10.18 8.61
C HIS B 46 3.05 8.96 9.50
N LEU B 47 3.07 9.17 10.83
CA LEU B 47 3.23 8.04 11.73
C LEU B 47 2.02 7.12 11.68
N ALA B 48 0.82 7.67 11.50
CA ALA B 48 -0.38 6.85 11.37
C ALA B 48 -0.29 5.93 10.17
N GLU B 49 0.19 6.45 9.03
CA GLU B 49 0.33 5.60 7.84
C GLU B 49 1.48 4.63 7.98
N TYR B 50 2.54 5.00 8.70
CA TYR B 50 3.63 4.06 8.96
C TYR B 50 3.17 2.89 9.81
N LEU B 51 2.35 3.15 10.84
CA LEU B 51 1.93 2.10 11.76
C LEU B 51 0.86 1.20 11.15
N ASP B 52 0.07 1.70 10.21
CA ASP B 52 -1.04 0.93 9.66
C ASP B 52 -0.54 -0.28 8.88
N ARG B 53 -1.17 -1.43 9.11
CA ARG B 53 -0.85 -2.65 8.38
C ARG B 53 -1.76 -2.77 7.17
N LYS B 54 -1.17 -3.17 6.03
CA LYS B 54 -1.87 -3.13 4.77
C LYS B 54 -1.55 -4.38 3.95
N VAL B 55 -2.38 -4.63 2.94
CA VAL B 55 -2.26 -5.79 2.08
C VAL B 55 -2.53 -5.37 0.64
N THR B 56 -2.09 -6.19 -0.30
CA THR B 56 -2.25 -5.92 -1.72
C THR B 56 -3.36 -6.78 -2.32
N ALA B 57 -3.88 -6.31 -3.46
CA ALA B 57 -4.87 -7.07 -4.21
C ALA B 57 -4.21 -8.24 -4.93
N ASN B 58 -4.94 -9.35 -5.03
CA ASN B 58 -4.42 -10.56 -5.65
C ASN B 58 -5.48 -11.11 -6.61
N ALA B 59 -5.13 -11.17 -7.89
CA ALA B 59 -6.04 -11.73 -8.89
C ALA B 59 -6.06 -13.25 -8.89
N ASN B 60 -5.13 -13.89 -8.21
CA ASN B 60 -5.18 -15.34 -8.05
C ASN B 60 -6.18 -15.70 -6.97
N PRO B 61 -7.14 -16.59 -7.25
CA PRO B 61 -8.18 -16.92 -6.25
C PRO B 61 -7.58 -17.64 -5.06
N VAL B 62 -7.78 -17.08 -3.88
CA VAL B 62 -7.38 -17.71 -2.62
C VAL B 62 -8.65 -17.96 -1.81
N ASP B 63 -8.88 -19.22 -1.46
CA ASP B 63 -10.10 -19.65 -0.76
C ASP B 63 -11.36 -19.27 -1.53
N GLY B 64 -11.29 -19.29 -2.85
CA GLY B 64 -12.43 -18.99 -3.68
C GLY B 64 -12.73 -17.52 -3.88
N VAL B 65 -11.81 -16.63 -3.52
CA VAL B 65 -12.01 -15.18 -3.64
C VAL B 65 -10.76 -14.58 -4.28
N PHE B 66 -10.97 -13.65 -5.20
CA PHE B 66 -9.89 -12.85 -5.78
C PHE B 66 -10.33 -11.40 -5.84
N SER B 67 -9.36 -10.50 -5.86
CA SER B 67 -9.64 -9.06 -5.78
C SER B 67 -8.79 -8.29 -6.77
N PHE B 68 -9.26 -7.09 -7.10
CA PHE B 68 -8.52 -6.14 -7.93
C PHE B 68 -9.02 -4.73 -7.63
N ASP B 69 -8.23 -3.75 -8.02
CA ASP B 69 -8.51 -2.35 -7.72
C ASP B 69 -8.92 -1.58 -8.97
N VAL B 70 -9.76 -0.58 -8.78
CA VAL B 70 -10.27 0.26 -9.86
C VAL B 70 -10.18 1.72 -9.43
N LEU B 71 -9.65 2.57 -10.32
CA LEU B 71 -9.59 4.01 -10.08
C LEU B 71 -10.88 4.63 -10.60
N ILE B 72 -11.82 4.89 -9.68
CA ILE B 72 -13.12 5.41 -10.08
C ILE B 72 -13.02 6.86 -10.54
N ASP B 73 -12.31 7.69 -9.78
CA ASP B 73 -12.21 9.11 -10.07
C ASP B 73 -10.76 9.55 -9.98
N ARG B 74 -10.34 10.39 -10.93
CA ARG B 74 -8.96 10.86 -11.00
C ARG B 74 -8.77 12.26 -10.43
N ARG B 75 -9.80 13.12 -10.51
CA ARG B 75 -9.68 14.46 -9.95
C ARG B 75 -9.52 14.41 -8.43
N ILE B 76 -10.26 13.54 -7.75
CA ILE B 76 -10.21 13.42 -6.30
C ILE B 76 -9.46 12.18 -5.85
N ASN B 77 -8.87 11.42 -6.77
CA ASN B 77 -8.11 10.21 -6.45
C ASN B 77 -8.98 9.20 -5.70
N LEU B 78 -10.20 9.01 -6.19
CA LEU B 78 -11.15 8.09 -5.56
C LEU B 78 -10.99 6.70 -6.16
N LEU B 79 -10.80 5.71 -5.29
CA LEU B 79 -10.48 4.35 -5.69
C LEU B 79 -11.31 3.36 -4.86
N SER B 80 -11.47 2.16 -5.42
CA SER B 80 -12.23 1.10 -4.78
C SER B 80 -11.58 -0.25 -5.09
N ARG B 81 -11.90 -1.24 -4.27
CA ARG B 81 -11.45 -2.60 -4.45
C ARG B 81 -12.65 -3.52 -4.64
N VAL B 82 -12.52 -4.50 -5.54
CA VAL B 82 -13.61 -5.39 -5.91
C VAL B 82 -13.25 -6.81 -5.51
N TYR B 83 -14.14 -7.47 -4.80
CA TYR B 83 -14.00 -8.86 -4.39
C TYR B 83 -15.09 -9.68 -5.06
N ARG B 84 -14.69 -10.75 -5.75
CA ARG B 84 -15.54 -11.62 -6.53
C ARG B 84 -15.26 -13.08 -6.19
N PRO B 85 -16.26 -13.96 -6.33
CA PRO B 85 -16.02 -15.39 -6.15
C PRO B 85 -15.20 -15.96 -7.29
N ALA B 86 -14.47 -17.04 -6.98
CA ALA B 86 -13.62 -17.69 -7.97
C ALA B 86 -14.43 -18.39 -9.04
N TYR B 87 -13.89 -18.43 -10.26
CA TYR B 87 -14.57 -19.06 -11.37
C TYR B 87 -14.46 -20.58 -11.27
N ALA B 88 -15.61 -21.26 -11.30
CA ALA B 88 -15.60 -22.72 -11.29
C ALA B 88 -15.33 -23.30 -12.67
N ASP B 89 -15.84 -22.66 -13.73
CA ASP B 89 -15.67 -23.19 -15.08
C ASP B 89 -14.26 -22.98 -15.61
N GLN B 90 -13.63 -21.86 -15.25
CA GLN B 90 -12.28 -21.54 -15.71
C GLN B 90 -11.30 -21.87 -14.60
N GLU B 91 -10.51 -22.92 -14.80
CA GLU B 91 -9.53 -23.31 -13.79
C GLU B 91 -8.33 -22.37 -13.78
N GLN B 92 -8.01 -21.78 -14.93
CA GLN B 92 -6.93 -20.81 -14.99
C GLN B 92 -7.30 -19.57 -14.18
N PRO B 93 -6.37 -19.01 -13.40
CA PRO B 93 -6.69 -17.83 -12.61
C PRO B 93 -7.03 -16.65 -13.50
N PRO B 94 -7.90 -15.75 -13.03
CA PRO B 94 -8.33 -14.63 -13.88
C PRO B 94 -7.21 -13.64 -14.12
N SER B 95 -7.30 -12.94 -15.24
CA SER B 95 -6.41 -11.84 -15.60
C SER B 95 -7.23 -10.72 -16.20
N ILE B 96 -6.54 -9.71 -16.75
CA ILE B 96 -7.22 -8.66 -17.50
C ILE B 96 -7.93 -9.30 -18.68
N LEU B 97 -9.07 -8.72 -19.06
CA LEU B 97 -10.02 -9.25 -20.06
C LEU B 97 -10.88 -10.32 -19.41
N ASP B 98 -10.64 -10.61 -18.13
CA ASP B 98 -11.39 -11.62 -17.40
C ASP B 98 -11.75 -11.18 -15.99
N LEU B 99 -11.28 -10.01 -15.54
CA LEU B 99 -11.63 -9.52 -14.22
C LEU B 99 -13.04 -8.97 -14.17
N GLU B 100 -13.49 -8.33 -15.26
CA GLU B 100 -14.81 -7.72 -15.34
C GLU B 100 -15.74 -8.53 -16.23
N LYS B 101 -15.59 -9.86 -16.21
CA LYS B 101 -16.47 -10.73 -16.98
C LYS B 101 -17.88 -10.70 -16.39
N PRO B 102 -18.91 -10.75 -17.23
CA PRO B 102 -20.29 -10.65 -16.72
C PRO B 102 -20.63 -11.79 -15.77
N VAL B 103 -21.47 -11.47 -14.78
CA VAL B 103 -21.86 -12.43 -13.76
C VAL B 103 -22.86 -13.42 -14.35
N ASP B 104 -22.75 -14.68 -13.93
CA ASP B 104 -23.66 -15.74 -14.35
C ASP B 104 -24.56 -16.08 -13.17
N GLY B 105 -25.80 -15.62 -13.23
CA GLY B 105 -26.75 -15.87 -12.16
C GLY B 105 -28.03 -15.08 -12.33
N ASP B 106 -29.16 -15.67 -11.97
CA ASP B 106 -30.44 -14.98 -12.08
C ASP B 106 -30.50 -13.78 -11.13
N ILE B 107 -30.02 -13.95 -9.90
CA ILE B 107 -29.95 -12.88 -8.91
C ILE B 107 -28.55 -12.88 -8.33
N VAL B 108 -27.86 -11.74 -8.43
CA VAL B 108 -26.53 -11.58 -7.84
C VAL B 108 -26.51 -10.30 -7.01
N PRO B 109 -26.49 -10.39 -5.69
CA PRO B 109 -26.41 -9.17 -4.88
C PRO B 109 -24.99 -8.60 -4.88
N VAL B 110 -24.90 -7.28 -4.77
CA VAL B 110 -23.63 -6.56 -4.71
C VAL B 110 -23.67 -5.63 -3.50
N ILE B 111 -22.63 -5.71 -2.67
CA ILE B 111 -22.55 -4.95 -1.43
C ILE B 111 -21.53 -3.83 -1.60
N LEU B 112 -21.97 -2.60 -1.36
CA LEU B 112 -21.09 -1.44 -1.28
C LEU B 112 -20.76 -1.23 0.19
N PHE B 113 -19.51 -1.47 0.56
CA PHE B 113 -19.07 -1.52 1.96
C PHE B 113 -18.25 -0.29 2.32
N PHE B 114 -18.50 0.26 3.50
CA PHE B 114 -17.74 1.37 4.04
C PHE B 114 -17.11 0.96 5.37
N HIS B 115 -15.80 1.19 5.49
CA HIS B 115 -15.03 0.80 6.66
C HIS B 115 -15.12 1.86 7.75
N GLY B 116 -14.80 1.44 8.98
CA GLY B 116 -14.82 2.32 10.13
C GLY B 116 -13.48 2.99 10.38
N GLY B 117 -13.37 3.61 11.55
CA GLY B 117 -12.18 4.34 11.91
C GLY B 117 -12.46 5.73 12.45
N SER B 118 -13.72 5.99 12.80
CA SER B 118 -14.15 7.26 13.39
C SER B 118 -13.82 8.44 12.47
N PHE B 119 -13.92 8.24 11.16
CA PHE B 119 -13.72 9.24 10.10
C PHE B 119 -12.27 9.64 9.93
N ALA B 120 -11.31 9.02 10.64
CA ALA B 120 -9.93 9.46 10.60
C ALA B 120 -8.91 8.36 10.37
N HIS B 121 -9.22 7.10 10.67
CA HIS B 121 -8.25 6.02 10.59
C HIS B 121 -8.63 5.03 9.49
N SER B 122 -7.69 4.12 9.21
CA SER B 122 -7.89 2.95 8.36
C SER B 122 -8.10 3.30 6.89
N SER B 123 -8.02 2.29 6.02
CA SER B 123 -8.19 2.44 4.59
C SER B 123 -8.87 1.20 4.04
N ALA B 124 -9.12 1.19 2.73
CA ALA B 124 -9.73 0.03 2.09
C ALA B 124 -8.75 -1.13 1.93
N ASN B 125 -7.44 -0.87 1.99
CA ASN B 125 -6.44 -1.90 1.89
C ASN B 125 -5.86 -2.30 3.24
N SER B 126 -6.47 -1.84 4.34
CA SER B 126 -6.06 -2.28 5.66
C SER B 126 -6.35 -3.77 5.84
N ALA B 127 -5.46 -4.47 6.55
CA ALA B 127 -5.54 -5.91 6.66
C ALA B 127 -6.73 -6.38 7.49
N ILE B 128 -7.35 -5.50 8.27
CA ILE B 128 -8.50 -5.93 9.07
C ILE B 128 -9.79 -5.90 8.25
N TYR B 129 -9.87 -5.02 7.26
CA TYR B 129 -11.08 -4.91 6.44
C TYR B 129 -11.03 -5.77 5.19
N ASP B 130 -9.83 -6.07 4.68
CA ASP B 130 -9.70 -7.00 3.56
C ASP B 130 -10.19 -8.38 3.96
N THR B 131 -9.83 -8.84 5.16
CA THR B 131 -10.30 -10.12 5.67
C THR B 131 -11.81 -10.13 5.83
N LEU B 132 -12.37 -9.02 6.33
CA LEU B 132 -13.81 -8.94 6.52
C LEU B 132 -14.54 -8.99 5.18
N CYS B 133 -14.04 -8.29 4.17
CA CYS B 133 -14.66 -8.32 2.85
C CYS B 133 -14.58 -9.71 2.23
N ARG B 134 -13.44 -10.39 2.38
CA ARG B 134 -13.32 -11.74 1.85
C ARG B 134 -14.27 -12.69 2.57
N ARG B 135 -14.43 -12.54 3.88
CA ARG B 135 -15.38 -13.36 4.62
C ARG B 135 -16.82 -13.09 4.17
N LEU B 136 -17.14 -11.81 3.92
CA LEU B 136 -18.46 -11.47 3.41
C LEU B 136 -18.73 -12.14 2.07
N VAL B 137 -17.74 -12.12 1.17
CA VAL B 137 -17.90 -12.79 -0.11
C VAL B 137 -18.11 -14.29 0.09
N GLY B 138 -17.31 -14.90 0.98
CA GLY B 138 -17.38 -16.34 1.15
C GLY B 138 -18.65 -16.81 1.84
N LEU B 139 -19.27 -15.95 2.66
CA LEU B 139 -20.43 -16.37 3.43
C LEU B 139 -21.76 -15.89 2.86
N CYS B 140 -21.79 -14.80 2.10
CA CYS B 140 -23.02 -14.30 1.53
C CYS B 140 -23.18 -14.59 0.04
N LYS B 141 -22.14 -15.11 -0.61
CA LYS B 141 -22.17 -15.46 -2.03
C LYS B 141 -22.56 -14.25 -2.88
N CYS B 142 -21.71 -13.23 -2.84
CA CYS B 142 -22.01 -11.95 -3.46
C CYS B 142 -20.72 -11.33 -3.98
N VAL B 143 -20.83 -10.10 -4.49
CA VAL B 143 -19.70 -9.30 -4.94
C VAL B 143 -19.61 -8.07 -4.04
N VAL B 144 -18.41 -7.76 -3.59
CA VAL B 144 -18.20 -6.67 -2.62
C VAL B 144 -17.35 -5.58 -3.27
N VAL B 145 -17.78 -4.34 -3.11
CA VAL B 145 -17.00 -3.17 -3.54
C VAL B 145 -16.71 -2.33 -2.32
N SER B 146 -15.43 -2.09 -2.05
CA SER B 146 -14.98 -1.34 -0.88
C SER B 146 -14.38 -0.02 -1.34
N VAL B 147 -14.89 1.08 -0.80
CA VAL B 147 -14.51 2.43 -1.21
C VAL B 147 -13.35 2.92 -0.34
N ASN B 148 -12.50 3.77 -0.90
CA ASN B 148 -11.40 4.40 -0.18
C ASN B 148 -11.70 5.90 -0.10
N TYR B 149 -12.39 6.30 0.96
CA TYR B 149 -12.84 7.68 1.08
C TYR B 149 -11.85 8.53 1.88
N ARG B 150 -11.96 9.84 1.69
CA ARG B 150 -11.08 10.81 2.32
C ARG B 150 -11.39 10.96 3.80
N ARG B 151 -10.35 11.24 4.58
CA ARG B 151 -10.43 11.21 6.03
C ARG B 151 -10.13 12.58 6.63
N ALA B 152 -10.64 12.80 7.85
CA ALA B 152 -10.51 14.00 8.66
C ALA B 152 -9.23 13.94 9.50
N PRO B 153 -8.73 15.10 9.97
CA PRO B 153 -9.23 16.47 9.80
C PRO B 153 -8.72 17.14 8.54
N GLU B 154 -7.91 16.46 7.73
CA GLU B 154 -7.42 17.06 6.50
C GLU B 154 -8.54 17.19 5.46
N ASN B 155 -9.47 16.24 5.45
CA ASN B 155 -10.62 16.27 4.55
C ASN B 155 -11.88 16.10 5.40
N PRO B 156 -12.34 17.18 6.03
CA PRO B 156 -13.53 17.07 6.90
C PRO B 156 -14.82 16.93 6.13
N TYR B 157 -15.94 17.00 6.83
CA TYR B 157 -17.26 16.93 6.22
C TYR B 157 -17.37 18.00 5.14
N PRO B 158 -18.02 17.70 3.99
CA PRO B 158 -18.68 16.45 3.60
C PRO B 158 -17.95 15.62 2.54
N CYS B 159 -16.63 15.40 2.67
CA CYS B 159 -15.89 14.71 1.61
C CYS B 159 -16.31 13.25 1.49
N ALA B 160 -16.47 12.55 2.62
CA ALA B 160 -16.76 11.13 2.59
C ALA B 160 -18.12 10.84 1.95
N TYR B 161 -19.10 11.68 2.23
CA TYR B 161 -20.43 11.49 1.63
C TYR B 161 -20.38 11.63 0.12
N ASP B 162 -19.63 12.61 -0.38
CA ASP B 162 -19.47 12.78 -1.82
C ASP B 162 -18.76 11.59 -2.45
N ASP B 163 -17.72 11.08 -1.77
CA ASP B 163 -17.02 9.90 -2.26
C ASP B 163 -17.97 8.71 -2.35
N GLY B 164 -18.80 8.51 -1.33
CA GLY B 164 -19.76 7.41 -1.36
C GLY B 164 -20.78 7.57 -2.47
N TRP B 165 -21.24 8.79 -2.71
CA TRP B 165 -22.18 9.04 -3.80
C TRP B 165 -21.57 8.71 -5.16
N ILE B 166 -20.32 9.12 -5.38
CA ILE B 166 -19.65 8.84 -6.65
C ILE B 166 -19.47 7.34 -6.83
N ALA B 167 -19.07 6.64 -5.75
CA ALA B 167 -18.91 5.20 -5.82
C ALA B 167 -20.23 4.50 -6.12
N LEU B 168 -21.32 4.98 -5.52
CA LEU B 168 -22.63 4.39 -5.79
C LEU B 168 -23.02 4.54 -7.26
N ASN B 169 -22.81 5.74 -7.82
CA ASN B 169 -23.12 5.94 -9.23
C ASN B 169 -22.27 5.03 -10.12
N TRP B 170 -20.98 4.90 -9.80
CA TRP B 170 -20.11 4.02 -10.59
C TRP B 170 -20.59 2.57 -10.53
N VAL B 171 -20.97 2.10 -9.35
CA VAL B 171 -21.45 0.73 -9.23
C VAL B 171 -22.74 0.54 -10.01
N ASN B 172 -23.66 1.50 -9.92
CA ASN B 172 -24.93 1.38 -10.62
C ASN B 172 -24.78 1.42 -12.13
N SER B 173 -23.72 2.05 -12.65
CA SER B 173 -23.57 2.19 -14.10
C SER B 173 -22.81 1.04 -14.76
N ARG B 174 -22.43 0.01 -14.02
CA ARG B 174 -21.67 -1.10 -14.61
C ARG B 174 -22.61 -2.09 -15.28
N SER B 175 -22.29 -2.45 -16.53
CA SER B 175 -23.13 -3.36 -17.29
C SER B 175 -22.87 -4.84 -16.99
N TRP B 176 -21.67 -5.16 -16.50
CA TRP B 176 -21.34 -6.55 -16.18
C TRP B 176 -21.78 -6.95 -14.78
N LEU B 177 -22.40 -6.04 -14.02
CA LEU B 177 -22.94 -6.34 -12.70
C LEU B 177 -24.46 -6.51 -12.72
N LYS B 178 -25.07 -6.54 -13.91
CA LYS B 178 -26.52 -6.61 -14.02
C LYS B 178 -27.01 -8.06 -13.93
N SER B 179 -28.12 -8.25 -13.23
CA SER B 179 -28.71 -9.57 -13.09
C SER B 179 -29.56 -9.92 -14.31
N LYS B 180 -29.75 -11.21 -14.51
CA LYS B 180 -30.46 -11.71 -15.69
C LYS B 180 -31.96 -11.87 -15.47
N LYS B 181 -32.48 -11.49 -14.30
CA LYS B 181 -33.91 -11.58 -14.05
C LYS B 181 -34.64 -10.27 -14.37
N ASP B 182 -33.98 -9.13 -14.20
CA ASP B 182 -34.61 -7.85 -14.53
C ASP B 182 -33.64 -6.87 -15.20
N SER B 183 -32.43 -7.30 -15.54
CA SER B 183 -31.41 -6.43 -16.14
C SER B 183 -31.13 -5.21 -15.27
N LYS B 184 -30.99 -5.46 -13.97
CA LYS B 184 -30.73 -4.41 -12.99
C LYS B 184 -29.66 -4.88 -12.02
N VAL B 185 -29.05 -3.91 -11.33
CA VAL B 185 -28.04 -4.20 -10.32
C VAL B 185 -28.72 -4.21 -8.95
N HIS B 186 -28.55 -5.31 -8.23
CA HIS B 186 -29.11 -5.45 -6.88
C HIS B 186 -28.05 -4.95 -5.89
N ILE B 187 -28.36 -3.85 -5.19
CA ILE B 187 -27.37 -3.11 -4.42
C ILE B 187 -27.78 -3.08 -2.96
N PHE B 188 -26.83 -3.44 -2.08
CA PHE B 188 -27.00 -3.32 -0.63
C PHE B 188 -25.84 -2.50 -0.07
N LEU B 189 -26.15 -1.52 0.78
CA LEU B 189 -25.14 -0.69 1.41
C LEU B 189 -24.83 -1.23 2.80
N ALA B 190 -23.54 -1.37 3.12
CA ALA B 190 -23.11 -1.88 4.41
C ALA B 190 -22.05 -0.96 5.00
N GLY B 191 -22.04 -0.85 6.33
CA GLY B 191 -21.15 0.08 6.99
C GLY B 191 -20.69 -0.40 8.34
N ASP B 192 -19.44 -0.06 8.67
CA ASP B 192 -18.85 -0.28 9.99
C ASP B 192 -18.57 1.07 10.63
N SER B 193 -18.99 1.23 11.90
CA SER B 193 -18.72 2.44 12.68
C SER B 193 -19.16 3.70 11.94
N SER B 194 -18.21 4.53 11.54
CA SER B 194 -18.53 5.69 10.71
C SER B 194 -18.99 5.29 9.33
N GLY B 195 -18.66 4.07 8.89
CA GLY B 195 -19.18 3.56 7.64
C GLY B 195 -20.69 3.42 7.65
N GLY B 196 -21.27 3.10 8.81
CA GLY B 196 -22.72 3.08 8.92
C GLY B 196 -23.34 4.45 8.77
N ASN B 197 -22.69 5.47 9.34
CA ASN B 197 -23.12 6.85 9.15
C ASN B 197 -23.09 7.23 7.67
N ILE B 198 -21.99 6.88 6.99
CA ILE B 198 -21.87 7.17 5.57
C ILE B 198 -22.95 6.42 4.78
N ALA B 199 -23.20 5.16 5.14
CA ALA B 199 -24.21 4.37 4.44
C ALA B 199 -25.59 4.97 4.60
N HIS B 200 -25.94 5.42 5.81
CA HIS B 200 -27.23 6.05 6.03
C HIS B 200 -27.39 7.32 5.18
N ASN B 201 -26.36 8.16 5.16
CA ASN B 201 -26.47 9.41 4.40
C ASN B 201 -26.51 9.13 2.88
N VAL B 202 -25.71 8.17 2.41
CA VAL B 202 -25.72 7.83 0.99
C VAL B 202 -27.05 7.22 0.59
N ALA B 203 -27.66 6.42 1.48
CA ALA B 203 -28.99 5.89 1.21
C ALA B 203 -30.01 7.00 1.11
N LEU B 204 -29.91 8.01 2.00
CA LEU B 204 -30.79 9.17 1.89
C LEU B 204 -30.65 9.84 0.52
N ARG B 205 -29.42 10.10 0.10
CA ARG B 205 -29.22 10.78 -1.19
C ARG B 205 -29.70 9.92 -2.36
N ALA B 206 -29.45 8.62 -2.30
CA ALA B 206 -29.90 7.73 -3.37
C ALA B 206 -31.42 7.70 -3.46
N GLY B 207 -32.10 7.65 -2.32
CA GLY B 207 -33.55 7.74 -2.34
C GLY B 207 -34.02 9.06 -2.90
N GLU B 208 -33.29 10.15 -2.62
CA GLU B 208 -33.62 11.43 -3.23
C GLU B 208 -33.49 11.37 -4.75
N SER B 209 -32.45 10.71 -5.25
CA SER B 209 -32.24 10.58 -6.69
C SER B 209 -33.01 9.36 -7.21
N GLY B 210 -32.73 8.97 -8.45
CA GLY B 210 -33.42 7.86 -9.09
C GLY B 210 -32.84 6.49 -8.87
N ILE B 211 -31.82 6.36 -8.04
CA ILE B 211 -31.21 5.06 -7.78
C ILE B 211 -32.00 4.33 -6.69
N ASP B 212 -32.12 3.02 -6.84
CA ASP B 212 -32.88 2.18 -5.91
C ASP B 212 -31.92 1.28 -5.14
N VAL B 213 -31.89 1.44 -3.82
CA VAL B 213 -31.06 0.63 -2.94
C VAL B 213 -31.95 -0.39 -2.24
N LEU B 214 -31.50 -1.64 -2.19
CA LEU B 214 -32.36 -2.71 -1.69
C LEU B 214 -32.30 -2.86 -0.17
N GLY B 215 -31.16 -2.59 0.46
CA GLY B 215 -31.05 -2.80 1.88
C GLY B 215 -29.85 -2.10 2.48
N ASN B 216 -29.91 -1.95 3.81
CA ASN B 216 -28.86 -1.31 4.60
C ASN B 216 -28.43 -2.24 5.73
N ILE B 217 -27.12 -2.33 5.94
CA ILE B 217 -26.54 -3.09 7.04
C ILE B 217 -25.63 -2.14 7.83
N LEU B 218 -25.89 -2.01 9.12
CA LEU B 218 -25.18 -1.06 9.97
C LEU B 218 -24.62 -1.80 11.19
N LEU B 219 -23.30 -2.00 11.21
CA LEU B 219 -22.64 -2.66 12.34
C LEU B 219 -22.03 -1.59 13.23
N ASN B 220 -22.63 -1.39 14.41
CA ASN B 220 -22.20 -0.38 15.37
C ASN B 220 -22.08 1.01 14.74
N PRO B 221 -23.19 1.58 14.24
CA PRO B 221 -23.12 2.88 13.57
C PRO B 221 -22.69 3.98 14.54
N MET B 222 -22.04 5.00 14.00
CA MET B 222 -21.49 6.10 14.77
C MET B 222 -22.48 7.27 14.76
N PHE B 223 -23.12 7.50 15.89
CA PHE B 223 -24.06 8.61 16.05
C PHE B 223 -23.84 9.25 17.42
N GLY B 224 -24.27 10.50 17.55
CA GLY B 224 -24.05 11.22 18.79
C GLY B 224 -25.05 12.33 18.98
N GLY B 225 -24.76 13.17 19.97
CA GLY B 225 -25.62 14.29 20.29
C GLY B 225 -24.98 15.15 21.36
N ASN B 226 -25.67 16.24 21.69
CA ASN B 226 -25.13 17.19 22.67
C ASN B 226 -25.22 16.64 24.09
N GLU B 227 -26.33 16.00 24.43
CA GLU B 227 -26.53 15.51 25.78
C GLU B 227 -25.69 14.26 26.05
N ARG B 228 -25.55 13.94 27.33
CA ARG B 228 -24.82 12.76 27.77
C ARG B 228 -25.83 11.67 28.14
N THR B 229 -25.71 10.51 27.50
CA THR B 229 -26.60 9.40 27.78
C THR B 229 -26.13 8.63 29.01
N GLU B 230 -27.01 7.77 29.53
CA GLU B 230 -26.68 7.00 30.73
C GLU B 230 -25.53 6.04 30.47
N SER B 231 -25.53 5.38 29.31
CA SER B 231 -24.46 4.43 29.00
C SER B 231 -23.12 5.14 28.83
N GLU B 232 -23.14 6.39 28.34
CA GLU B 232 -21.90 7.16 28.23
C GLU B 232 -21.31 7.45 29.61
N LYS B 233 -22.16 7.80 30.57
CA LYS B 233 -21.68 8.10 31.92
C LYS B 233 -21.31 6.85 32.69
N SER B 234 -21.93 5.70 32.38
CA SER B 234 -21.71 4.49 33.15
C SER B 234 -20.59 3.61 32.60
N LEU B 235 -20.34 3.66 31.29
CA LEU B 235 -19.36 2.78 30.65
C LEU B 235 -18.12 3.54 30.19
N ASP B 236 -17.87 4.72 30.73
CA ASP B 236 -16.78 5.56 30.25
C ASP B 236 -15.44 4.95 30.61
N GLY B 237 -14.65 4.58 29.60
CA GLY B 237 -13.30 4.12 29.78
C GLY B 237 -13.16 2.67 30.21
N LYS B 238 -14.26 1.92 30.30
CA LYS B 238 -14.20 0.55 30.80
C LYS B 238 -14.06 -0.49 29.70
N TYR B 239 -14.42 -0.16 28.47
CA TYR B 239 -14.43 -1.11 27.36
C TYR B 239 -13.80 -0.51 26.12
N PHE B 240 -12.58 0.04 26.29
CA PHE B 240 -11.66 0.53 25.28
C PHE B 240 -12.04 1.89 24.72
N VAL B 241 -13.20 2.46 25.06
CA VAL B 241 -13.65 3.71 24.48
C VAL B 241 -13.95 4.70 25.59
N THR B 242 -13.53 5.95 25.38
CA THR B 242 -13.75 7.04 26.33
C THR B 242 -14.47 8.19 25.64
N VAL B 243 -15.12 9.02 26.46
CA VAL B 243 -15.85 10.18 25.96
C VAL B 243 -14.90 11.19 25.33
N ARG B 244 -13.69 11.31 25.86
CA ARG B 244 -12.73 12.31 25.38
C ARG B 244 -12.40 12.13 23.91
N ASP B 245 -12.09 10.89 23.51
CA ASP B 245 -11.73 10.66 22.10
C ASP B 245 -12.95 10.78 21.20
N ARG B 246 -14.14 10.42 21.68
CA ARG B 246 -15.35 10.63 20.89
C ARG B 246 -15.55 12.11 20.60
N ASP B 247 -15.38 12.95 21.63
CA ASP B 247 -15.47 14.40 21.42
C ASP B 247 -14.42 14.88 20.44
N TRP B 248 -13.18 14.38 20.58
CA TRP B 248 -12.12 14.79 19.67
C TRP B 248 -12.43 14.44 18.22
N TYR B 249 -12.92 13.23 17.98
CA TYR B 249 -13.22 12.81 16.61
C TYR B 249 -14.40 13.58 16.04
N TRP B 250 -15.45 13.83 16.85
CA TRP B 250 -16.56 14.62 16.35
C TRP B 250 -16.12 16.05 16.03
N LYS B 251 -15.22 16.61 16.83
CA LYS B 251 -14.69 17.94 16.53
C LYS B 251 -13.84 17.92 15.26
N ALA B 252 -13.08 16.85 15.05
CA ALA B 252 -12.24 16.76 13.86
C ALA B 252 -13.06 16.58 12.58
N PHE B 253 -14.23 15.96 12.67
CA PHE B 253 -15.04 15.72 11.48
C PHE B 253 -15.95 16.90 11.14
N LEU B 254 -16.56 17.52 12.12
CA LEU B 254 -17.63 18.47 11.88
C LEU B 254 -17.11 19.82 11.38
N PRO B 255 -17.96 20.61 10.73
CA PRO B 255 -17.54 21.95 10.30
C PRO B 255 -17.12 22.83 11.48
N GLU B 256 -16.53 23.97 11.14
CA GLU B 256 -15.97 24.85 12.16
C GLU B 256 -17.07 25.54 12.95
N GLY B 257 -16.95 25.53 14.27
CA GLY B 257 -17.93 26.15 15.13
C GLY B 257 -19.28 25.49 15.11
N GLU B 258 -19.32 24.16 15.07
CA GLU B 258 -20.56 23.39 15.00
C GLU B 258 -20.62 22.41 16.17
N ASP B 259 -21.81 22.29 16.76
CA ASP B 259 -22.01 21.39 17.88
C ASP B 259 -22.47 20.01 17.35
N ARG B 260 -22.84 19.13 18.26
CA ARG B 260 -23.17 17.75 17.93
C ARG B 260 -24.64 17.55 17.60
N GLU B 261 -25.42 18.64 17.51
CA GLU B 261 -26.77 18.58 16.99
C GLU B 261 -26.82 18.76 15.48
N HIS B 262 -25.66 18.83 14.83
CA HIS B 262 -25.61 18.88 13.37
C HIS B 262 -26.19 17.60 12.80
N PRO B 263 -26.91 17.67 11.67
CA PRO B 263 -27.52 16.46 11.10
C PRO B 263 -26.53 15.37 10.76
N ALA B 264 -25.27 15.71 10.46
CA ALA B 264 -24.25 14.69 10.22
C ALA B 264 -23.87 13.94 11.49
N CYS B 265 -24.22 14.47 12.66
CA CYS B 265 -24.00 13.78 13.93
C CYS B 265 -25.26 13.12 14.46
N ASN B 266 -26.35 13.88 14.56
CA ASN B 266 -27.64 13.36 15.02
C ASN B 266 -28.61 13.31 13.84
N PRO B 267 -28.90 12.13 13.29
CA PRO B 267 -29.86 12.07 12.17
C PRO B 267 -31.28 12.46 12.56
N PHE B 268 -31.62 12.41 13.84
CA PHE B 268 -32.96 12.76 14.32
C PHE B 268 -32.94 14.02 15.18
N SER B 269 -32.08 14.96 14.83
CA SER B 269 -32.02 16.25 15.48
C SER B 269 -33.16 17.14 14.98
N PRO B 270 -33.49 18.21 15.71
CA PRO B 270 -34.50 19.16 15.21
C PRO B 270 -34.13 19.77 13.87
N ARG B 271 -32.83 19.95 13.59
CA ARG B 271 -32.39 20.45 12.30
C ARG B 271 -32.32 19.36 11.23
N GLY B 272 -32.52 18.10 11.61
CA GLY B 272 -32.52 17.03 10.64
C GLY B 272 -33.80 16.96 9.82
N LYS B 273 -33.78 16.12 8.81
CA LYS B 273 -34.91 15.95 7.90
C LYS B 273 -35.79 14.78 8.35
N SER B 274 -37.10 14.97 8.25
CA SER B 274 -38.03 13.93 8.63
C SER B 274 -37.99 12.77 7.63
N LEU B 275 -37.99 11.55 8.15
CA LEU B 275 -37.98 10.35 7.33
C LEU B 275 -39.37 9.79 7.07
N GLU B 276 -40.41 10.47 7.53
CA GLU B 276 -41.77 9.99 7.34
C GLU B 276 -42.23 10.25 5.91
N GLY B 277 -42.79 9.23 5.27
CA GLY B 277 -43.21 9.35 3.88
C GLY B 277 -42.05 9.52 2.91
N VAL B 278 -40.97 8.77 3.11
CA VAL B 278 -39.76 8.89 2.30
C VAL B 278 -39.33 7.50 1.84
N SER B 279 -38.92 7.40 0.58
CA SER B 279 -38.43 6.14 0.04
C SER B 279 -37.09 5.79 0.70
N PHE B 280 -37.12 4.84 1.63
CA PHE B 280 -35.93 4.40 2.33
C PHE B 280 -35.83 2.88 2.28
N PRO B 281 -34.62 2.34 2.14
CA PRO B 281 -34.46 0.88 2.13
C PRO B 281 -34.68 0.28 3.51
N LYS B 282 -34.90 -1.04 3.51
CA LYS B 282 -35.02 -1.77 4.77
C LYS B 282 -33.66 -1.88 5.44
N SER B 283 -33.65 -1.71 6.76
CA SER B 283 -32.41 -1.59 7.52
C SER B 283 -32.22 -2.77 8.46
N LEU B 284 -30.96 -3.12 8.68
CA LEU B 284 -30.55 -4.11 9.66
C LEU B 284 -29.45 -3.49 10.52
N VAL B 285 -29.80 -3.14 11.76
CA VAL B 285 -28.91 -2.44 12.67
C VAL B 285 -28.48 -3.41 13.76
N VAL B 286 -27.17 -3.53 13.97
CA VAL B 286 -26.61 -4.40 15.00
C VAL B 286 -26.01 -3.52 16.09
N VAL B 287 -26.39 -3.80 17.34
CA VAL B 287 -25.98 -3.00 18.49
C VAL B 287 -25.30 -3.90 19.51
N ALA B 288 -24.13 -3.47 19.99
CA ALA B 288 -23.40 -4.21 21.01
C ALA B 288 -23.76 -3.69 22.40
N GLY B 289 -23.89 -4.61 23.35
CA GLY B 289 -24.34 -4.24 24.68
C GLY B 289 -23.30 -3.51 25.50
N LEU B 290 -22.03 -3.83 25.32
CA LEU B 290 -20.94 -3.25 26.10
C LEU B 290 -20.25 -2.11 25.36
N ASP B 291 -21.00 -1.34 24.58
CA ASP B 291 -20.48 -0.14 23.91
C ASP B 291 -21.10 1.09 24.56
N LEU B 292 -20.28 2.11 24.79
CA LEU B 292 -20.73 3.25 25.57
C LEU B 292 -21.66 4.19 24.80
N ILE B 293 -21.76 4.05 23.48
CA ILE B 293 -22.70 4.84 22.69
C ILE B 293 -23.89 3.99 22.24
N ARG B 294 -24.18 2.90 22.96
CA ARG B 294 -25.29 2.03 22.58
C ARG B 294 -26.63 2.74 22.66
N ASP B 295 -26.75 3.75 23.54
CA ASP B 295 -28.01 4.47 23.67
C ASP B 295 -28.37 5.22 22.40
N TRP B 296 -27.37 5.85 21.76
CA TRP B 296 -27.62 6.56 20.52
C TRP B 296 -28.05 5.61 19.41
N GLN B 297 -27.44 4.41 19.36
CA GLN B 297 -27.81 3.43 18.34
C GLN B 297 -29.22 2.90 18.57
N LEU B 298 -29.58 2.63 19.82
CA LEU B 298 -30.94 2.21 20.13
C LEU B 298 -31.94 3.30 19.78
N ALA B 299 -31.59 4.57 20.05
CA ALA B 299 -32.45 5.68 19.68
C ALA B 299 -32.60 5.80 18.16
N TYR B 300 -31.53 5.54 17.42
CA TYR B 300 -31.60 5.55 15.96
C TYR B 300 -32.56 4.47 15.46
N ALA B 301 -32.46 3.26 16.02
CA ALA B 301 -33.37 2.18 15.62
C ALA B 301 -34.81 2.54 15.96
N GLU B 302 -35.04 3.11 17.14
CA GLU B 302 -36.40 3.49 17.52
C GLU B 302 -36.93 4.60 16.62
N GLY B 303 -36.08 5.55 16.23
CA GLY B 303 -36.51 6.59 15.32
C GLY B 303 -36.84 6.06 13.93
N LEU B 304 -36.06 5.07 13.46
CA LEU B 304 -36.41 4.42 12.21
C LEU B 304 -37.76 3.72 12.31
N LYS B 305 -38.01 3.03 13.42
CA LYS B 305 -39.28 2.32 13.58
C LYS B 305 -40.45 3.30 13.66
N LYS B 306 -40.26 4.43 14.35
CA LYS B 306 -41.36 5.38 14.53
C LYS B 306 -41.71 6.10 13.23
N ALA B 307 -40.73 6.31 12.35
CA ALA B 307 -40.96 7.01 11.09
C ALA B 307 -41.79 6.19 10.10
N GLY B 308 -42.04 4.92 10.38
CA GLY B 308 -42.77 4.07 9.46
C GLY B 308 -41.92 3.23 8.55
N GLN B 309 -40.63 3.09 8.84
CA GLN B 309 -39.71 2.31 8.03
C GLN B 309 -39.52 0.92 8.62
N GLU B 310 -39.11 -0.01 7.75
CA GLU B 310 -38.85 -1.39 8.17
C GLU B 310 -37.42 -1.50 8.66
N VAL B 311 -37.26 -2.03 9.87
CA VAL B 311 -35.94 -2.13 10.50
C VAL B 311 -35.92 -3.37 11.40
N LYS B 312 -34.85 -4.14 11.29
CA LYS B 312 -34.59 -5.26 12.19
C LYS B 312 -33.43 -4.91 13.11
N LEU B 313 -33.62 -5.09 14.41
CA LEU B 313 -32.65 -4.71 15.41
C LEU B 313 -32.03 -5.96 16.03
N MET B 314 -30.70 -6.02 16.04
CA MET B 314 -29.95 -7.11 16.65
C MET B 314 -29.16 -6.53 17.82
N HIS B 315 -29.60 -6.84 19.04
CA HIS B 315 -28.96 -6.34 20.25
C HIS B 315 -28.21 -7.49 20.91
N LEU B 316 -26.89 -7.44 20.86
CA LEU B 316 -26.02 -8.41 21.52
C LEU B 316 -25.61 -7.83 22.86
N GLU B 317 -26.14 -8.40 23.95
CA GLU B 317 -26.05 -7.74 25.24
C GLU B 317 -24.65 -7.79 25.83
N LYS B 318 -23.85 -8.78 25.47
CA LYS B 318 -22.53 -8.97 26.07
C LYS B 318 -21.40 -8.77 25.08
N ALA B 319 -21.63 -7.99 24.03
CA ALA B 319 -20.65 -7.77 22.98
C ALA B 319 -20.02 -6.39 23.10
N THR B 320 -18.77 -6.30 22.67
CA THR B 320 -18.02 -5.05 22.64
C THR B 320 -17.76 -4.63 21.20
N VAL B 321 -16.99 -3.55 21.04
CA VAL B 321 -16.62 -3.09 19.70
C VAL B 321 -15.62 -4.06 19.08
N GLY B 322 -15.73 -4.22 17.76
CA GLY B 322 -14.82 -5.09 17.02
C GLY B 322 -14.95 -6.56 17.33
N PHE B 323 -16.17 -7.05 17.55
CA PHE B 323 -16.39 -8.48 17.74
C PHE B 323 -16.39 -9.25 16.43
N TYR B 324 -16.45 -8.55 15.30
CA TYR B 324 -16.50 -9.15 13.97
C TYR B 324 -15.13 -9.24 13.30
N LEU B 325 -14.06 -8.77 13.96
CA LEU B 325 -12.74 -8.81 13.36
C LEU B 325 -12.07 -10.16 13.52
N LEU B 326 -12.56 -11.02 14.42
CA LEU B 326 -12.02 -12.36 14.61
C LEU B 326 -13.16 -13.36 14.68
N PRO B 327 -13.01 -14.51 14.01
CA PRO B 327 -14.06 -15.55 14.03
C PRO B 327 -13.93 -16.54 15.17
N ASN B 328 -13.89 -16.03 16.41
CA ASN B 328 -13.70 -16.87 17.58
C ASN B 328 -14.81 -16.67 18.62
N ASN B 329 -15.93 -16.07 18.22
CA ASN B 329 -17.04 -15.81 19.15
C ASN B 329 -18.36 -16.13 18.46
N ASN B 330 -19.40 -16.28 19.28
CA ASN B 330 -20.73 -16.60 18.76
C ASN B 330 -21.38 -15.40 18.10
N HIS B 331 -21.03 -14.18 18.55
CA HIS B 331 -21.62 -12.99 17.96
C HIS B 331 -21.29 -12.87 16.48
N PHE B 332 -20.03 -13.17 16.12
CA PHE B 332 -19.62 -13.13 14.72
C PHE B 332 -20.45 -14.08 13.87
N HIS B 333 -20.58 -15.34 14.33
CA HIS B 333 -21.32 -16.34 13.55
C HIS B 333 -22.78 -15.95 13.41
N ASN B 334 -23.41 -15.49 14.50
CA ASN B 334 -24.82 -15.11 14.43
C ASN B 334 -25.02 -13.92 13.50
N VAL B 335 -24.16 -12.91 13.58
CA VAL B 335 -24.31 -11.74 12.73
C VAL B 335 -24.11 -12.12 11.27
N MET B 336 -23.15 -13.01 10.99
CA MET B 336 -22.96 -13.46 9.62
C MET B 336 -24.17 -14.23 9.12
N ASP B 337 -24.77 -15.07 9.97
CA ASP B 337 -25.98 -15.79 9.57
C ASP B 337 -27.11 -14.82 9.22
N GLU B 338 -27.34 -13.82 10.08
CA GLU B 338 -28.41 -12.87 9.82
C GLU B 338 -28.13 -12.01 8.59
N ILE B 339 -26.87 -11.63 8.36
CA ILE B 339 -26.55 -10.85 7.16
C ILE B 339 -26.80 -11.68 5.91
N SER B 340 -26.38 -12.95 5.92
CA SER B 340 -26.61 -13.82 4.77
C SER B 340 -28.10 -14.00 4.50
N ALA B 341 -28.90 -14.19 5.56
CA ALA B 341 -30.34 -14.28 5.37
C ALA B 341 -30.94 -12.96 4.91
N PHE B 342 -30.33 -11.84 5.28
CA PHE B 342 -30.86 -10.53 4.92
C PHE B 342 -30.63 -10.21 3.45
N VAL B 343 -29.45 -10.54 2.92
CA VAL B 343 -29.14 -10.17 1.55
C VAL B 343 -29.69 -11.17 0.53
N ASN B 344 -29.87 -12.44 0.92
CA ASN B 344 -30.34 -13.47 0.02
C ASN B 344 -31.81 -13.78 0.20
N ALA B 345 -32.59 -12.81 0.67
CA ALA B 345 -34.03 -13.01 0.87
C ALA B 345 -34.76 -13.08 -0.46
O71 GA3 C . -13.33 3.35 15.07
C7 GA3 C . -13.83 2.96 16.14
O72 GA3 C . -14.91 3.33 16.64
C6 GA3 C . -13.03 1.89 16.92
C5 GA3 C . -12.13 1.04 16.02
C8 GA3 C . -12.05 2.53 17.94
C15 GA3 C . -11.60 3.99 17.75
C16 GA3 C . -11.03 4.35 19.10
C17 GA3 C . -10.47 5.51 19.42
C13 GA3 C . -11.55 3.32 20.11
C14 GA3 C . -12.66 2.63 19.34
O13 GA3 C . -12.05 3.89 21.29
C12 GA3 C . -10.49 2.26 20.43
C11 GA3 C . -10.11 1.35 19.26
C9 GA3 C . -10.78 1.64 17.90
C10 GA3 C . -11.07 0.50 16.96
O92 GA3 C . -11.78 -0.60 17.61
C1 GA3 C . -9.94 -0.12 16.18
C2 GA3 C . -10.23 -0.83 15.10
C3 GA3 C . -11.61 -0.84 14.48
O31 GA3 C . -11.63 -0.04 13.32
C4 GA3 C . -12.68 -0.27 15.46
C18 GA3 C . -14.05 -0.27 14.84
C19 GA3 C . -12.61 -1.14 16.71
O91 GA3 C . -13.20 -2.16 16.93
#